data_8Q5X
#
_entry.id   8Q5X
#
_cell.length_a   68.546
_cell.length_b   111.094
_cell.length_c   78.820
_cell.angle_alpha   90.00
_cell.angle_beta   90.01
_cell.angle_gamma   90.00
#
_symmetry.space_group_name_H-M   'P 1 21 1'
#
loop_
_entity.id
_entity.type
_entity.pdbx_description
1 polymer 'Nitrogenase iron protein'
2 non-polymer "ADENOSINE-5'-DIPHOSPHATE"
3 non-polymer 'MAGNESIUM ION'
4 non-polymer 'IRON/SULFUR CLUSTER'
5 non-polymer 'ACETATE ION'
6 non-polymer 1,2-ETHANEDIOL
7 non-polymer 'CALCIUM ION'
8 non-polymer GLYCEROL
9 non-polymer DI(HYDROXYETHYL)ETHER
10 water water
#
_entity_poly.entity_id   1
_entity_poly.type   'polypeptide(L)'
_entity_poly.pdbx_seq_one_letter_code
;MVRKIAIYGKGGIGKSTTTQNTVAAMAHFHDKKVFIHGCDPKADSTRLILHGKQQVTMMDTLREKGEDECTPDKVIEVGF
GGVKCVESGGPEPGVGCAGRGVITAITLMEQHGVYEDDLDFVFFDVLGDVVCGGFAMPVRDGKADEIYVVASGEMMALYA
ANNICKGMVKYAEQSGVRLGGIICNSRNVDGELDLLQEFCDKIGTQLIHFVPRDNIVQKAEFQKKAVVDYDDTCNQALEY
KELARKIIENENLVIPTPMTMDELEELTSKYGFLDGRAIEGRHHHHHH
;
_entity_poly.pdbx_strand_id   A,B,C,D
#
# COMPACT_ATOMS: atom_id res chain seq x y z
N VAL A 2 7.34 -5.16 -25.34
CA VAL A 2 7.25 -6.29 -24.41
C VAL A 2 5.79 -6.75 -24.32
N ARG A 3 5.59 -8.06 -24.18
CA ARG A 3 4.27 -8.64 -23.98
C ARG A 3 4.15 -9.09 -22.52
N LYS A 4 3.16 -8.55 -21.83
CA LYS A 4 2.94 -8.83 -20.41
C LYS A 4 1.83 -9.86 -20.30
N ILE A 5 2.15 -11.01 -19.72
CA ILE A 5 1.26 -12.16 -19.71
C ILE A 5 0.98 -12.53 -18.26
N ALA A 6 -0.28 -12.63 -17.91
CA ALA A 6 -0.70 -13.07 -16.59
C ALA A 6 -1.20 -14.51 -16.68
N ILE A 7 -0.77 -15.35 -15.75
CA ILE A 7 -1.18 -16.75 -15.68
C ILE A 7 -2.06 -16.94 -14.47
N TYR A 8 -3.28 -17.41 -14.69
CA TYR A 8 -4.26 -17.60 -13.63
C TYR A 8 -4.64 -19.07 -13.55
N GLY A 9 -5.48 -19.38 -12.58
CA GLY A 9 -5.92 -20.74 -12.33
C GLY A 9 -6.05 -20.99 -10.85
N LYS A 10 -6.80 -22.04 -10.50
CA LYS A 10 -6.98 -22.42 -9.10
C LYS A 10 -5.67 -22.89 -8.48
N GLY A 11 -5.61 -22.76 -7.15
CA GLY A 11 -4.41 -23.18 -6.44
C GLY A 11 -4.10 -24.65 -6.67
N GLY A 12 -2.83 -24.96 -6.87
CA GLY A 12 -2.41 -26.31 -7.09
C GLY A 12 -2.68 -26.83 -8.48
N ILE A 13 -3.13 -25.97 -9.40
CA ILE A 13 -3.49 -26.43 -10.74
C ILE A 13 -2.28 -26.61 -11.65
N GLY A 14 -1.17 -25.95 -11.34
CA GLY A 14 0.02 -26.05 -12.15
C GLY A 14 0.49 -24.72 -12.70
N LYS A 15 0.11 -23.61 -12.06
CA LYS A 15 0.48 -22.28 -12.56
C LYS A 15 1.99 -22.10 -12.56
N SER A 16 2.65 -22.40 -11.45
CA SER A 16 4.08 -22.18 -11.36
C SER A 16 4.89 -23.20 -12.15
N THR A 17 4.40 -24.43 -12.24
CA THR A 17 5.04 -25.43 -13.10
C THR A 17 4.96 -25.00 -14.56
N THR A 18 3.78 -24.61 -15.03
CA THR A 18 3.60 -24.24 -16.43
C THR A 18 4.36 -22.95 -16.76
N THR A 19 4.35 -21.99 -15.82
CA THR A 19 5.01 -20.73 -16.06
C THR A 19 6.51 -20.88 -16.13
N GLN A 20 7.10 -21.55 -15.14
CA GLN A 20 8.56 -21.67 -15.09
C GLN A 20 9.09 -22.47 -16.27
N ASN A 21 8.40 -23.56 -16.63
CA ASN A 21 8.84 -24.41 -17.72
C ASN A 21 8.58 -23.79 -19.08
N THR A 22 7.45 -23.10 -19.26
CA THR A 22 7.22 -22.36 -20.49
C THR A 22 8.23 -21.22 -20.62
N VAL A 23 8.49 -20.50 -19.53
CA VAL A 23 9.46 -19.42 -19.57
C VAL A 23 10.85 -19.98 -19.84
N ALA A 24 11.18 -21.08 -19.14
CA ALA A 24 12.45 -21.74 -19.38
C ALA A 24 12.61 -22.11 -20.84
N ALA A 25 11.54 -22.61 -21.46
CA ALA A 25 11.60 -22.98 -22.87
C ALA A 25 11.77 -21.76 -23.75
N MET A 26 11.07 -20.67 -23.44
CA MET A 26 11.24 -19.46 -24.24
C MET A 26 12.68 -18.99 -24.23
N ALA A 27 13.33 -19.07 -23.08
CA ALA A 27 14.70 -18.57 -22.99
C ALA A 27 15.69 -19.54 -23.62
N HIS A 28 15.48 -20.83 -23.43
CA HIS A 28 16.43 -21.84 -23.87
C HIS A 28 16.25 -22.23 -25.33
N PHE A 29 15.01 -22.40 -25.78
CA PHE A 29 14.76 -22.85 -27.14
C PHE A 29 14.50 -21.72 -28.10
N HIS A 30 13.89 -20.63 -27.63
CA HIS A 30 13.40 -19.57 -28.52
C HIS A 30 14.15 -18.25 -28.35
N ASP A 31 15.22 -18.24 -27.56
CA ASP A 31 16.11 -17.09 -27.46
C ASP A 31 15.36 -15.82 -27.04
N LYS A 32 14.49 -15.97 -26.05
CA LYS A 32 13.70 -14.85 -25.53
C LYS A 32 14.27 -14.39 -24.20
N LYS A 33 14.16 -13.10 -23.95
CA LYS A 33 14.50 -12.51 -22.66
C LYS A 33 13.21 -12.32 -21.86
N VAL A 34 13.13 -12.98 -20.70
CA VAL A 34 11.88 -13.16 -19.98
C VAL A 34 12.06 -12.79 -18.52
N PHE A 35 10.95 -12.39 -17.90
CA PHE A 35 10.88 -11.94 -16.51
C PHE A 35 9.66 -12.62 -15.89
N ILE A 36 9.86 -13.25 -14.73
CA ILE A 36 8.77 -13.82 -13.96
C ILE A 36 8.54 -12.96 -12.72
N HIS A 37 7.31 -12.51 -12.55
CA HIS A 37 6.89 -11.80 -11.35
C HIS A 37 5.91 -12.71 -10.60
N GLY A 38 6.35 -13.26 -9.48
CA GLY A 38 5.50 -14.09 -8.65
C GLY A 38 4.45 -13.24 -7.97
N CYS A 39 3.17 -13.58 -8.15
CA CYS A 39 2.04 -12.82 -7.61
C CYS A 39 1.11 -13.75 -6.86
N ASP A 40 1.67 -14.74 -6.16
CA ASP A 40 0.97 -15.74 -5.39
C ASP A 40 1.62 -15.76 -4.02
N PRO A 41 0.84 -15.62 -2.92
CA PRO A 41 1.45 -15.61 -1.59
C PRO A 41 2.26 -16.84 -1.26
N LYS A 42 2.04 -17.97 -1.95
CA LYS A 42 2.85 -19.16 -1.73
C LYS A 42 4.33 -18.85 -1.94
N ALA A 43 4.63 -17.99 -2.90
CA ALA A 43 5.96 -17.40 -3.06
C ALA A 43 7.03 -18.42 -3.42
N ASP A 44 6.67 -19.46 -4.19
CA ASP A 44 7.63 -20.37 -4.76
C ASP A 44 7.59 -20.38 -6.28
N SER A 45 7.08 -19.31 -6.89
CA SER A 45 6.86 -19.25 -8.32
C SER A 45 8.17 -19.13 -9.09
N THR A 46 9.30 -18.91 -8.43
CA THR A 46 10.57 -18.72 -9.11
C THR A 46 11.64 -19.68 -8.61
N ARG A 47 11.31 -20.59 -7.71
CA ARG A 47 12.34 -21.37 -7.03
C ARG A 47 13.09 -22.30 -7.99
N LEU A 48 12.44 -22.78 -9.04
CA LEU A 48 13.12 -23.70 -9.95
C LEU A 48 14.02 -22.96 -10.93
N ILE A 49 13.56 -21.82 -11.45
CA ILE A 49 14.43 -20.99 -12.26
C ILE A 49 15.67 -20.61 -11.47
N LEU A 50 15.50 -20.41 -10.15
CA LEU A 50 16.58 -19.97 -9.27
C LEU A 50 17.25 -21.13 -8.55
N HIS A 51 16.99 -22.36 -8.98
CA HIS A 51 17.69 -23.55 -8.51
C HIS A 51 17.58 -23.70 -7.00
N GLY A 52 16.35 -23.55 -6.48
CA GLY A 52 16.12 -23.81 -5.05
C GLY A 52 16.08 -22.56 -4.19
N LYS A 53 16.74 -21.49 -4.63
CA LYS A 53 16.83 -20.28 -3.78
C LYS A 53 15.44 -19.71 -3.49
N GLN A 54 15.10 -19.57 -2.21
CA GLN A 54 13.80 -18.98 -1.80
C GLN A 54 13.97 -17.46 -1.83
N GLN A 55 13.64 -16.82 -2.96
CA GLN A 55 13.88 -15.37 -3.16
C GLN A 55 13.30 -14.50 -2.05
N VAL A 56 14.08 -13.53 -1.55
CA VAL A 56 13.53 -12.55 -0.58
C VAL A 56 12.43 -11.80 -1.32
N THR A 57 11.25 -11.69 -0.72
CA THR A 57 10.11 -11.05 -1.36
C THR A 57 10.28 -9.53 -1.34
N MET A 58 9.53 -8.86 -2.21
CA MET A 58 9.60 -7.37 -2.25
C MET A 58 9.04 -6.81 -0.94
N MET A 59 8.02 -7.48 -0.39
N MET A 59 8.01 -7.46 -0.39
CA MET A 59 7.38 -6.98 0.86
CA MET A 59 7.38 -6.99 0.87
C MET A 59 8.35 -7.15 2.04
C MET A 59 8.36 -7.14 2.03
N ASP A 60 9.09 -8.27 2.06
CA ASP A 60 10.07 -8.51 3.15
C ASP A 60 11.20 -7.47 3.04
N THR A 61 11.62 -7.15 1.82
CA THR A 61 12.65 -6.13 1.65
C THR A 61 12.15 -4.77 2.11
N LEU A 62 10.91 -4.43 1.76
CA LEU A 62 10.32 -3.18 2.26
C LEU A 62 10.33 -3.14 3.78
N ARG A 63 9.96 -4.26 4.41
CA ARG A 63 9.89 -4.31 5.87
C ARG A 63 11.27 -4.14 6.48
N GLU A 64 12.25 -4.93 6.03
CA GLU A 64 13.54 -4.96 6.68
C GLU A 64 14.40 -3.77 6.31
N LYS A 65 14.36 -3.34 5.06
CA LYS A 65 15.27 -2.33 4.54
C LYS A 65 14.70 -0.92 4.55
N GLY A 66 13.39 -0.79 4.48
CA GLY A 66 12.73 0.50 4.53
C GLY A 66 12.29 0.98 3.15
N GLU A 67 11.31 1.88 3.16
CA GLU A 67 10.86 2.48 1.91
C GLU A 67 11.98 3.26 1.23
N ASP A 68 12.87 3.87 2.00
CA ASP A 68 13.94 4.67 1.43
C ASP A 68 14.99 3.81 0.72
N GLU A 69 15.02 2.51 0.98
CA GLU A 69 16.07 1.66 0.44
C GLU A 69 15.55 0.52 -0.43
N CYS A 70 14.25 0.44 -0.67
CA CYS A 70 13.68 -0.65 -1.47
C CYS A 70 13.74 -0.30 -2.95
N THR A 71 14.63 -0.96 -3.68
CA THR A 71 14.83 -0.72 -5.10
C THR A 71 14.72 -2.04 -5.85
N PRO A 72 14.47 -1.99 -7.15
CA PRO A 72 14.30 -3.24 -7.91
C PRO A 72 15.52 -4.15 -7.87
N ASP A 73 16.73 -3.58 -7.87
CA ASP A 73 17.93 -4.37 -7.88
C ASP A 73 18.08 -5.21 -6.63
N LYS A 74 17.43 -4.83 -5.53
CA LYS A 74 17.48 -5.61 -4.31
C LYS A 74 16.45 -6.73 -4.25
N VAL A 75 15.56 -6.82 -5.24
CA VAL A 75 14.52 -7.85 -5.26
C VAL A 75 14.53 -8.69 -6.52
N ILE A 76 15.30 -8.32 -7.53
CA ILE A 76 15.38 -9.10 -8.75
C ILE A 76 16.55 -10.06 -8.65
N GLU A 77 16.30 -11.33 -8.97
CA GLU A 77 17.36 -12.33 -9.10
C GLU A 77 17.30 -12.94 -10.50
N VAL A 78 18.46 -13.33 -11.01
CA VAL A 78 18.59 -13.92 -12.34
C VAL A 78 18.90 -15.38 -12.17
N GLY A 79 18.28 -16.22 -12.99
CA GLY A 79 18.48 -17.65 -12.90
C GLY A 79 18.64 -18.30 -14.26
N PHE A 80 18.11 -19.52 -14.40
CA PHE A 80 18.25 -20.28 -15.62
C PHE A 80 17.89 -19.45 -16.84
N GLY A 81 18.67 -19.63 -17.91
CA GLY A 81 18.40 -18.97 -19.17
C GLY A 81 18.45 -17.46 -19.12
N GLY A 82 19.03 -16.89 -18.07
CA GLY A 82 19.03 -15.48 -17.88
C GLY A 82 17.72 -14.91 -17.43
N VAL A 83 16.78 -15.75 -17.02
CA VAL A 83 15.45 -15.29 -16.62
C VAL A 83 15.54 -14.51 -15.33
N LYS A 84 14.96 -13.32 -15.33
CA LYS A 84 14.91 -12.47 -14.16
C LYS A 84 13.66 -12.82 -13.36
N CYS A 85 13.78 -12.78 -12.03
CA CYS A 85 12.73 -13.22 -11.14
C CYS A 85 12.53 -12.23 -9.99
N VAL A 86 11.26 -12.10 -9.59
N VAL A 86 11.27 -12.10 -9.60
CA VAL A 86 10.90 -11.34 -8.40
CA VAL A 86 10.86 -11.33 -8.43
C VAL A 86 9.69 -12.02 -7.77
C VAL A 86 9.70 -12.04 -7.77
N GLU A 87 9.65 -12.01 -6.43
CA GLU A 87 8.54 -12.55 -5.65
C GLU A 87 7.90 -11.38 -4.92
N SER A 88 6.58 -11.22 -5.10
CA SER A 88 5.87 -10.08 -4.49
C SER A 88 5.82 -10.24 -2.98
N GLY A 89 5.50 -11.46 -2.48
CA GLY A 89 5.24 -11.64 -1.08
C GLY A 89 3.95 -10.94 -0.67
N GLY A 90 3.76 -10.88 0.65
CA GLY A 90 2.57 -10.26 1.19
C GLY A 90 2.38 -10.52 2.67
N PRO A 91 1.27 -10.02 3.22
CA PRO A 91 1.05 -10.19 4.66
C PRO A 91 0.90 -11.66 5.02
N GLU A 92 1.24 -11.99 6.25
CA GLU A 92 1.03 -13.33 6.74
C GLU A 92 -0.48 -13.58 6.89
N PRO A 93 -0.88 -14.84 7.02
CA PRO A 93 -2.33 -15.13 7.08
C PRO A 93 -3.03 -14.33 8.17
N GLY A 94 -4.09 -13.63 7.78
CA GLY A 94 -4.89 -12.87 8.71
C GLY A 94 -4.38 -11.49 9.03
N VAL A 95 -3.12 -11.19 8.71
CA VAL A 95 -2.54 -9.91 9.08
C VAL A 95 -3.09 -8.79 8.21
N GLY A 96 -3.37 -9.08 6.95
CA GLY A 96 -3.88 -8.03 6.08
C GLY A 96 -4.24 -8.62 4.73
N CYS A 97 -4.49 -7.71 3.79
CA CYS A 97 -4.94 -8.12 2.46
C CYS A 97 -3.88 -8.99 1.80
N ALA A 98 -4.28 -10.23 1.45
CA ALA A 98 -3.34 -11.19 0.87
C ALA A 98 -2.64 -10.64 -0.36
N GLY A 99 -3.31 -9.78 -1.11
CA GLY A 99 -2.81 -9.29 -2.37
C GLY A 99 -2.10 -7.96 -2.29
N ARG A 100 -1.93 -7.43 -1.07
CA ARG A 100 -1.30 -6.08 -0.89
C ARG A 100 0.11 -6.08 -1.47
N GLY A 101 0.88 -7.15 -1.23
CA GLY A 101 2.24 -7.22 -1.72
C GLY A 101 2.35 -7.15 -3.23
N VAL A 102 1.39 -7.76 -3.93
CA VAL A 102 1.38 -7.70 -5.38
C VAL A 102 1.24 -6.27 -5.85
N ILE A 103 0.34 -5.50 -5.24
CA ILE A 103 0.17 -4.10 -5.62
C ILE A 103 1.48 -3.34 -5.47
N THR A 104 2.08 -3.45 -4.29
CA THR A 104 3.32 -2.67 -4.02
C THR A 104 4.43 -3.12 -4.97
N ALA A 105 4.52 -4.41 -5.27
CA ALA A 105 5.59 -4.94 -6.11
C ALA A 105 5.46 -4.49 -7.56
N ILE A 106 4.26 -4.62 -8.15
CA ILE A 106 4.06 -4.18 -9.53
C ILE A 106 4.31 -2.67 -9.65
N THR A 107 3.84 -1.91 -8.67
CA THR A 107 4.04 -0.46 -8.72
C THR A 107 5.52 -0.10 -8.78
N LEU A 108 6.33 -0.71 -7.91
CA LEU A 108 7.76 -0.45 -7.91
C LEU A 108 8.40 -0.88 -9.22
N MET A 109 8.04 -2.07 -9.71
CA MET A 109 8.55 -2.55 -10.99
C MET A 109 8.21 -1.56 -12.10
N GLU A 110 6.99 -1.02 -12.09
CA GLU A 110 6.55 -0.11 -13.14
C GLU A 110 7.26 1.23 -13.01
N GLN A 111 7.40 1.74 -11.78
CA GLN A 111 8.05 3.02 -11.59
C GLN A 111 9.45 3.04 -12.17
N HIS A 112 10.15 1.91 -12.14
CA HIS A 112 11.53 1.86 -12.57
C HIS A 112 11.69 1.20 -13.92
N GLY A 113 10.60 1.03 -14.67
CA GLY A 113 10.70 0.54 -16.02
C GLY A 113 11.20 -0.88 -16.16
N VAL A 114 11.19 -1.67 -15.08
CA VAL A 114 11.78 -3.00 -15.12
C VAL A 114 11.18 -3.82 -16.27
N TYR A 115 9.86 -3.82 -16.41
CA TYR A 115 9.23 -4.61 -17.46
C TYR A 115 9.66 -4.17 -18.86
N GLU A 116 10.15 -2.93 -19.00
CA GLU A 116 10.52 -2.33 -20.27
C GLU A 116 12.01 -2.42 -20.53
N ASP A 117 12.76 -3.13 -19.70
CA ASP A 117 14.22 -3.15 -19.78
C ASP A 117 14.70 -4.40 -20.49
N ASP A 118 14.68 -4.34 -21.83
CA ASP A 118 15.26 -5.40 -22.68
C ASP A 118 14.60 -6.75 -22.44
N LEU A 119 13.27 -6.78 -22.50
CA LEU A 119 12.52 -8.00 -22.28
C LEU A 119 11.55 -8.23 -23.43
N ASP A 120 11.42 -9.49 -23.81
CA ASP A 120 10.40 -9.89 -24.76
C ASP A 120 9.08 -10.20 -24.07
N PHE A 121 9.14 -10.78 -22.87
CA PHE A 121 7.95 -11.27 -22.15
C PHE A 121 8.11 -11.02 -20.66
N VAL A 122 7.00 -10.65 -20.02
CA VAL A 122 6.85 -10.63 -18.57
C VAL A 122 5.72 -11.58 -18.24
N PHE A 123 5.97 -12.50 -17.30
CA PHE A 123 4.95 -13.44 -16.84
C PHE A 123 4.62 -13.15 -15.39
N PHE A 124 3.34 -12.86 -15.11
CA PHE A 124 2.82 -12.79 -13.76
C PHE A 124 2.20 -14.15 -13.41
N ASP A 125 2.61 -14.71 -12.28
CA ASP A 125 2.08 -15.98 -11.77
C ASP A 125 1.17 -15.62 -10.58
N VAL A 126 -0.14 -15.61 -10.82
CA VAL A 126 -1.08 -14.92 -9.94
C VAL A 126 -2.04 -15.92 -9.31
N LEU A 127 -2.32 -15.70 -8.02
CA LEU A 127 -3.38 -16.45 -7.35
C LEU A 127 -4.73 -16.11 -7.96
N GLY A 128 -5.53 -17.15 -8.21
CA GLY A 128 -6.80 -16.95 -8.87
C GLY A 128 -8.03 -17.41 -8.14
N ASP A 129 -7.85 -17.90 -6.90
CA ASP A 129 -8.98 -18.33 -6.10
C ASP A 129 -9.85 -17.17 -5.62
N VAL A 130 -9.32 -15.95 -5.58
CA VAL A 130 -10.13 -14.74 -5.44
C VAL A 130 -9.61 -13.72 -6.45
N VAL A 131 -10.52 -12.92 -7.00
CA VAL A 131 -10.14 -11.88 -7.95
C VAL A 131 -10.37 -10.50 -7.34
N CYS A 132 -9.44 -10.06 -6.51
CA CYS A 132 -9.56 -8.80 -5.80
C CYS A 132 -8.16 -8.33 -5.44
N GLY A 133 -8.08 -7.11 -4.95
CA GLY A 133 -6.80 -6.63 -4.52
C GLY A 133 -5.77 -6.73 -5.62
N GLY A 134 -4.53 -6.97 -5.21
CA GLY A 134 -3.46 -7.05 -6.18
C GLY A 134 -3.67 -8.14 -7.20
N PHE A 135 -4.41 -9.19 -6.84
CA PHE A 135 -4.64 -10.31 -7.73
C PHE A 135 -5.52 -9.94 -8.90
N ALA A 136 -6.28 -8.85 -8.80
CA ALA A 136 -7.09 -8.37 -9.90
C ALA A 136 -6.40 -7.30 -10.74
N MET A 137 -5.26 -6.81 -10.29
CA MET A 137 -4.54 -5.74 -11.04
C MET A 137 -4.35 -6.18 -12.49
N PRO A 138 -3.84 -7.39 -12.79
CA PRO A 138 -3.60 -7.77 -14.20
C PRO A 138 -4.84 -7.73 -15.06
N VAL A 139 -6.03 -7.95 -14.50
N VAL A 139 -6.03 -7.92 -14.51
CA VAL A 139 -7.24 -7.89 -15.31
CA VAL A 139 -7.25 -7.91 -15.29
C VAL A 139 -7.89 -6.52 -15.26
C VAL A 139 -7.87 -6.51 -15.26
N ARG A 140 -7.91 -5.89 -14.09
CA ARG A 140 -8.68 -4.66 -13.90
C ARG A 140 -7.92 -3.42 -14.28
N ASP A 141 -6.64 -3.33 -13.91
CA ASP A 141 -5.89 -2.09 -14.07
C ASP A 141 -4.96 -2.12 -15.27
N GLY A 142 -5.06 -3.15 -16.10
CA GLY A 142 -4.29 -3.16 -17.33
C GLY A 142 -2.81 -3.42 -17.17
N LYS A 143 -2.42 -4.06 -16.09
CA LYS A 143 -1.02 -4.36 -15.85
C LYS A 143 -0.51 -5.51 -16.71
N ALA A 144 -1.39 -6.25 -17.37
CA ALA A 144 -1.02 -7.31 -18.28
C ALA A 144 -1.73 -7.10 -19.61
N ASP A 145 -1.08 -7.52 -20.69
CA ASP A 145 -1.70 -7.48 -22.02
C ASP A 145 -2.54 -8.72 -22.29
N GLU A 146 -2.04 -9.88 -21.91
CA GLU A 146 -2.67 -11.14 -22.27
C GLU A 146 -2.81 -11.97 -21.02
N ILE A 147 -3.77 -12.87 -21.04
CA ILE A 147 -4.02 -13.79 -19.93
C ILE A 147 -4.16 -15.19 -20.50
N TYR A 148 -3.55 -16.14 -19.84
CA TYR A 148 -3.78 -17.56 -20.08
C TYR A 148 -4.15 -18.17 -18.73
N VAL A 149 -5.09 -19.11 -18.75
CA VAL A 149 -5.56 -19.77 -17.54
C VAL A 149 -5.20 -21.24 -17.63
N VAL A 150 -4.54 -21.74 -16.59
CA VAL A 150 -4.23 -23.16 -16.45
C VAL A 150 -5.44 -23.83 -15.80
N ALA A 151 -5.95 -24.89 -16.43
CA ALA A 151 -7.17 -25.51 -15.94
C ALA A 151 -7.11 -27.03 -16.09
N SER A 152 -8.12 -27.69 -15.57
CA SER A 152 -8.25 -29.13 -15.62
C SER A 152 -9.74 -29.44 -15.65
N GLY A 153 -10.09 -30.74 -15.51
CA GLY A 153 -11.49 -31.09 -15.43
C GLY A 153 -12.17 -30.78 -14.11
N GLU A 154 -11.44 -30.28 -13.13
CA GLU A 154 -12.01 -30.01 -11.81
C GLU A 154 -12.96 -28.83 -11.87
N MET A 155 -14.06 -28.94 -11.12
CA MET A 155 -15.05 -27.88 -11.09
C MET A 155 -14.42 -26.57 -10.66
N MET A 156 -13.62 -26.60 -9.59
CA MET A 156 -13.03 -25.36 -9.07
C MET A 156 -12.03 -24.78 -10.06
N ALA A 157 -11.43 -25.63 -10.91
CA ALA A 157 -10.54 -25.14 -11.95
C ALA A 157 -11.33 -24.39 -13.02
N LEU A 158 -12.47 -24.93 -13.43
CA LEU A 158 -13.37 -24.22 -14.33
C LEU A 158 -13.95 -22.98 -13.67
N TYR A 159 -14.32 -23.09 -12.40
CA TYR A 159 -14.85 -21.95 -11.64
C TYR A 159 -13.82 -20.82 -11.62
N ALA A 160 -12.57 -21.14 -11.30
CA ALA A 160 -11.52 -20.12 -11.28
C ALA A 160 -11.36 -19.48 -12.65
N ALA A 161 -11.34 -20.29 -13.71
CA ALA A 161 -11.21 -19.72 -15.06
C ALA A 161 -12.41 -18.85 -15.41
N ASN A 162 -13.61 -19.31 -15.07
CA ASN A 162 -14.81 -18.55 -15.40
C ASN A 162 -14.85 -17.24 -14.64
N ASN A 163 -14.29 -17.18 -13.43
CA ASN A 163 -14.32 -15.95 -12.65
C ASN A 163 -13.37 -14.89 -13.23
N ILE A 164 -12.23 -15.33 -13.75
CA ILE A 164 -11.35 -14.38 -14.45
C ILE A 164 -12.03 -13.86 -15.71
N CYS A 165 -12.78 -14.71 -16.41
CA CYS A 165 -13.56 -14.24 -17.56
C CYS A 165 -14.57 -13.20 -17.12
N LYS A 166 -15.21 -13.40 -15.97
CA LYS A 166 -16.16 -12.41 -15.48
C LYS A 166 -15.46 -11.08 -15.22
N GLY A 167 -14.29 -11.12 -14.58
CA GLY A 167 -13.54 -9.90 -14.38
C GLY A 167 -13.19 -9.22 -15.68
N MET A 168 -13.04 -9.99 -16.76
CA MET A 168 -12.69 -9.43 -18.06
C MET A 168 -13.88 -8.79 -18.74
N VAL A 169 -15.06 -9.43 -18.68
CA VAL A 169 -16.25 -8.80 -19.24
C VAL A 169 -16.40 -7.39 -18.68
N LYS A 170 -15.97 -7.17 -17.43
CA LYS A 170 -16.26 -5.93 -16.73
C LYS A 170 -15.24 -4.85 -17.08
N TYR A 171 -13.97 -5.22 -17.26
CA TYR A 171 -12.91 -4.23 -17.31
C TYR A 171 -12.06 -4.26 -18.57
N ALA A 172 -12.19 -5.27 -19.41
CA ALA A 172 -11.20 -5.46 -20.48
C ALA A 172 -11.28 -4.38 -21.55
N GLU A 173 -12.48 -3.88 -21.84
CA GLU A 173 -12.59 -2.84 -22.86
C GLU A 173 -11.85 -1.58 -22.45
N GLN A 174 -11.73 -1.36 -21.15
CA GLN A 174 -11.04 -0.15 -20.64
C GLN A 174 -9.57 -0.45 -20.35
N SER A 175 -9.25 -1.69 -19.98
CA SER A 175 -7.90 -2.04 -19.58
C SER A 175 -7.06 -2.61 -20.71
N GLY A 176 -7.69 -3.11 -21.77
CA GLY A 176 -6.97 -3.64 -22.90
C GLY A 176 -6.52 -5.09 -22.78
N VAL A 177 -6.73 -5.73 -21.62
CA VAL A 177 -6.32 -7.11 -21.46
C VAL A 177 -7.21 -8.01 -22.31
N ARG A 178 -6.60 -9.07 -22.86
CA ARG A 178 -7.33 -10.06 -23.65
C ARG A 178 -6.96 -11.47 -23.22
N LEU A 179 -7.84 -12.41 -23.56
CA LEU A 179 -7.67 -13.81 -23.20
C LEU A 179 -7.02 -14.55 -24.36
N GLY A 180 -5.86 -15.13 -24.11
CA GLY A 180 -5.12 -15.85 -25.13
C GLY A 180 -5.50 -17.32 -25.23
N GLY A 181 -6.11 -17.85 -24.18
CA GLY A 181 -6.58 -19.22 -24.20
C GLY A 181 -6.45 -19.95 -22.89
N ILE A 182 -6.93 -21.19 -22.88
CA ILE A 182 -6.86 -22.06 -21.72
C ILE A 182 -5.79 -23.11 -21.96
N ILE A 183 -5.02 -23.42 -20.92
CA ILE A 183 -4.03 -24.50 -20.96
C ILE A 183 -4.58 -25.66 -20.14
N CYS A 184 -4.74 -26.82 -20.77
CA CYS A 184 -5.07 -28.03 -20.05
C CYS A 184 -3.80 -28.64 -19.46
N ASN A 185 -3.63 -28.53 -18.14
CA ASN A 185 -2.54 -29.20 -17.43
C ASN A 185 -3.08 -30.54 -16.96
N SER A 186 -2.75 -31.59 -17.71
CA SER A 186 -3.40 -32.87 -17.53
C SER A 186 -3.13 -33.49 -16.16
N ARG A 187 -4.18 -34.06 -15.58
CA ARG A 187 -4.08 -34.93 -14.41
C ARG A 187 -4.22 -36.40 -14.79
N ASN A 188 -4.20 -36.71 -16.09
CA ASN A 188 -4.35 -38.07 -16.59
C ASN A 188 -5.72 -38.65 -16.24
N VAL A 189 -6.75 -37.82 -16.31
CA VAL A 189 -8.13 -38.24 -16.06
C VAL A 189 -8.89 -38.17 -17.36
N ASP A 190 -9.56 -39.25 -17.73
CA ASP A 190 -10.21 -39.35 -19.04
C ASP A 190 -11.26 -38.26 -19.18
N GLY A 191 -11.24 -37.57 -20.33
CA GLY A 191 -12.25 -36.58 -20.66
C GLY A 191 -11.88 -35.17 -20.31
N GLU A 192 -10.70 -34.93 -19.73
CA GLU A 192 -10.30 -33.59 -19.34
C GLU A 192 -10.09 -32.70 -20.57
N LEU A 193 -9.47 -33.23 -21.61
CA LEU A 193 -9.23 -32.46 -22.82
C LEU A 193 -10.54 -32.11 -23.51
N ASP A 194 -11.40 -33.12 -23.70
CA ASP A 194 -12.69 -32.88 -24.35
C ASP A 194 -13.51 -31.85 -23.60
N LEU A 195 -13.52 -31.93 -22.27
CA LEU A 195 -14.26 -30.97 -21.44
C LEU A 195 -13.75 -29.55 -21.62
N LEU A 196 -12.42 -29.37 -21.59
CA LEU A 196 -11.87 -28.03 -21.66
C LEU A 196 -11.96 -27.48 -23.07
N GLN A 197 -11.86 -28.33 -24.08
CA GLN A 197 -12.14 -27.88 -25.44
C GLN A 197 -13.57 -27.37 -25.53
N GLU A 198 -14.53 -28.10 -24.96
CA GLU A 198 -15.91 -27.62 -24.96
C GLU A 198 -16.04 -26.34 -24.15
N PHE A 199 -15.39 -26.27 -22.99
CA PHE A 199 -15.40 -25.05 -22.18
C PHE A 199 -14.88 -23.86 -22.97
N CYS A 200 -13.76 -24.06 -23.66
CA CYS A 200 -13.18 -22.98 -24.45
C CYS A 200 -14.15 -22.49 -25.53
N ASP A 201 -14.88 -23.41 -26.13
CA ASP A 201 -15.78 -23.03 -27.21
C ASP A 201 -16.97 -22.25 -26.69
N LYS A 202 -17.47 -22.60 -25.50
CA LYS A 202 -18.60 -21.87 -24.94
C LYS A 202 -18.21 -20.44 -24.56
N ILE A 203 -17.00 -20.25 -24.03
CA ILE A 203 -16.61 -18.91 -23.59
C ILE A 203 -15.94 -18.10 -24.70
N GLY A 204 -15.70 -18.72 -25.85
CA GLY A 204 -15.21 -17.98 -27.00
C GLY A 204 -13.71 -17.88 -27.11
N THR A 205 -12.98 -18.80 -26.53
CA THR A 205 -11.52 -18.78 -26.62
C THR A 205 -11.02 -20.05 -27.28
N GLN A 206 -9.73 -20.34 -27.13
CA GLN A 206 -9.11 -21.53 -27.66
C GLN A 206 -8.49 -22.35 -26.53
N LEU A 207 -8.38 -23.66 -26.76
CA LEU A 207 -7.59 -24.53 -25.90
C LEU A 207 -6.21 -24.56 -26.52
N ILE A 208 -5.28 -23.77 -25.97
CA ILE A 208 -4.05 -23.51 -26.69
C ILE A 208 -3.13 -24.72 -26.66
N HIS A 209 -3.06 -25.45 -25.55
CA HIS A 209 -2.18 -26.60 -25.49
C HIS A 209 -2.63 -27.59 -24.41
N PHE A 210 -2.30 -28.85 -24.65
CA PHE A 210 -2.50 -29.96 -23.72
C PHE A 210 -1.15 -30.32 -23.14
N VAL A 211 -0.91 -29.95 -21.89
CA VAL A 211 0.33 -30.31 -21.19
C VAL A 211 0.12 -31.66 -20.53
N PRO A 212 0.84 -32.71 -20.94
CA PRO A 212 0.62 -34.01 -20.31
C PRO A 212 1.10 -34.07 -18.86
N ARG A 213 0.58 -35.07 -18.15
CA ARG A 213 1.10 -35.39 -16.82
C ARG A 213 2.36 -36.23 -16.99
N ASP A 214 3.47 -35.78 -16.40
CA ASP A 214 4.75 -36.47 -16.54
C ASP A 214 5.51 -36.33 -15.24
N ASN A 215 5.80 -37.46 -14.60
CA ASN A 215 6.49 -37.40 -13.33
C ASN A 215 7.95 -36.99 -13.47
N ILE A 216 8.42 -36.75 -14.69
CA ILE A 216 9.71 -36.09 -14.85
C ILE A 216 9.69 -34.72 -14.17
N VAL A 217 8.51 -34.11 -14.07
CA VAL A 217 8.40 -32.82 -13.38
C VAL A 217 8.94 -32.94 -11.96
N GLN A 218 8.57 -34.00 -11.26
CA GLN A 218 9.04 -34.18 -9.89
C GLN A 218 10.51 -34.62 -9.86
N LYS A 219 10.93 -35.39 -10.84
CA LYS A 219 12.35 -35.73 -10.91
C LYS A 219 13.20 -34.47 -10.99
N ALA A 220 12.82 -33.54 -11.86
CA ALA A 220 13.56 -32.29 -11.98
C ALA A 220 13.42 -31.46 -10.72
N GLU A 221 12.23 -31.43 -10.13
CA GLU A 221 12.05 -30.69 -8.88
C GLU A 221 12.99 -31.21 -7.80
N PHE A 222 13.15 -32.53 -7.71
CA PHE A 222 14.07 -33.10 -6.74
C PHE A 222 15.50 -32.64 -6.96
N GLN A 223 15.81 -32.14 -8.16
CA GLN A 223 17.17 -31.61 -8.47
C GLN A 223 17.13 -30.09 -8.57
N LYS A 224 16.05 -29.46 -8.11
CA LYS A 224 15.93 -28.01 -8.07
C LYS A 224 16.06 -27.41 -9.47
N LYS A 225 15.36 -28.00 -10.42
CA LYS A 225 15.43 -27.56 -11.80
C LYS A 225 14.07 -27.62 -12.45
N ALA A 226 13.82 -26.67 -13.36
CA ALA A 226 12.73 -26.82 -14.31
C ALA A 226 13.03 -27.97 -15.27
N VAL A 227 11.96 -28.57 -15.83
CA VAL A 227 12.12 -29.70 -16.73
C VAL A 227 13.07 -29.35 -17.87
N VAL A 228 12.91 -28.15 -18.44
CA VAL A 228 13.72 -27.75 -19.58
C VAL A 228 15.17 -27.64 -19.17
N ASP A 229 15.43 -27.23 -17.92
CA ASP A 229 16.78 -27.20 -17.40
C ASP A 229 17.30 -28.61 -17.14
N TYR A 230 16.46 -29.47 -16.55
CA TYR A 230 16.88 -30.81 -16.15
C TYR A 230 17.27 -31.65 -17.36
N ASP A 231 16.38 -31.76 -18.34
CA ASP A 231 16.66 -32.51 -19.56
C ASP A 231 15.90 -31.83 -20.70
N ASP A 232 16.63 -31.09 -21.55
CA ASP A 232 16.00 -30.34 -22.62
C ASP A 232 15.66 -31.19 -23.83
N THR A 233 15.88 -32.51 -23.75
CA THR A 233 15.52 -33.42 -24.83
C THR A 233 14.39 -34.37 -24.47
N CYS A 234 13.89 -34.34 -23.24
CA CYS A 234 12.82 -35.24 -22.81
C CYS A 234 11.48 -34.75 -23.37
N ASN A 235 10.52 -35.67 -23.40
CA ASN A 235 9.24 -35.36 -24.03
C ASN A 235 8.61 -34.12 -23.41
N GLN A 236 8.58 -34.05 -22.08
CA GLN A 236 7.92 -32.93 -21.40
C GLN A 236 8.58 -31.61 -21.75
N ALA A 237 9.90 -31.59 -21.85
CA ALA A 237 10.58 -30.35 -22.23
C ALA A 237 10.18 -29.92 -23.62
N LEU A 238 9.97 -30.87 -24.53
CA LEU A 238 9.54 -30.52 -25.88
C LEU A 238 8.06 -30.11 -25.91
N GLU A 239 7.26 -30.66 -24.99
CA GLU A 239 5.90 -30.16 -24.83
C GLU A 239 5.88 -28.69 -24.42
N TYR A 240 6.75 -28.29 -23.49
CA TYR A 240 6.85 -26.88 -23.11
C TYR A 240 7.48 -26.03 -24.21
N LYS A 241 8.37 -26.63 -25.02
CA LYS A 241 8.89 -25.93 -26.18
C LYS A 241 7.77 -25.55 -27.15
N GLU A 242 6.80 -26.44 -27.33
CA GLU A 242 5.66 -26.19 -28.21
C GLU A 242 4.70 -25.18 -27.58
N LEU A 243 4.39 -25.35 -26.30
CA LEU A 243 3.53 -24.38 -25.62
C LEU A 243 4.14 -22.98 -25.70
N ALA A 244 5.45 -22.86 -25.52
CA ALA A 244 6.12 -21.56 -25.65
C ALA A 244 6.00 -21.03 -27.07
N ARG A 245 6.20 -21.88 -28.06
CA ARG A 245 6.05 -21.45 -29.45
C ARG A 245 4.63 -20.95 -29.71
N LYS A 246 3.64 -21.66 -29.22
CA LYS A 246 2.26 -21.25 -29.44
C LYS A 246 1.96 -19.90 -28.81
N ILE A 247 2.44 -19.66 -27.59
CA ILE A 247 2.24 -18.35 -26.98
C ILE A 247 2.94 -17.27 -27.81
N ILE A 248 4.20 -17.52 -28.20
CA ILE A 248 4.94 -16.53 -28.96
C ILE A 248 4.21 -16.18 -30.24
N GLU A 249 3.63 -17.19 -30.90
CA GLU A 249 2.98 -17.04 -32.19
C GLU A 249 1.50 -16.72 -32.07
N ASN A 250 0.99 -16.57 -30.86
CA ASN A 250 -0.46 -16.47 -30.68
C ASN A 250 -0.96 -15.10 -31.11
N GLU A 251 -2.00 -15.09 -31.93
CA GLU A 251 -2.72 -13.88 -32.30
C GLU A 251 -4.17 -13.93 -31.88
N ASN A 252 -4.63 -15.02 -31.26
CA ASN A 252 -6.03 -15.17 -30.86
C ASN A 252 -6.20 -14.59 -29.46
N LEU A 253 -6.82 -13.42 -29.39
CA LEU A 253 -6.97 -12.66 -28.15
C LEU A 253 -8.37 -12.08 -28.12
N VAL A 254 -9.14 -12.44 -27.10
CA VAL A 254 -10.56 -12.18 -27.12
C VAL A 254 -10.99 -11.60 -25.78
N ILE A 255 -12.20 -11.07 -25.76
CA ILE A 255 -12.95 -10.83 -24.53
C ILE A 255 -13.95 -11.97 -24.39
N PRO A 256 -13.85 -12.80 -23.36
CA PRO A 256 -14.66 -14.02 -23.33
C PRO A 256 -16.10 -13.75 -22.89
N THR A 257 -16.94 -14.76 -23.08
CA THR A 257 -18.33 -14.75 -22.63
C THR A 257 -18.50 -15.79 -21.54
N PRO A 258 -18.49 -15.41 -20.26
CA PRO A 258 -18.50 -16.43 -19.20
C PRO A 258 -19.73 -17.33 -19.26
N MET A 259 -19.62 -18.46 -18.57
CA MET A 259 -20.76 -19.38 -18.49
C MET A 259 -21.44 -19.16 -17.13
N THR A 260 -22.68 -19.61 -17.02
CA THR A 260 -23.39 -19.59 -15.75
C THR A 260 -22.95 -20.78 -14.91
N MET A 261 -23.21 -20.69 -13.60
CA MET A 261 -22.89 -21.83 -12.73
C MET A 261 -23.67 -23.07 -13.16
N ASP A 262 -24.96 -22.92 -13.45
CA ASP A 262 -25.73 -24.05 -13.97
C ASP A 262 -25.06 -24.65 -15.20
N GLU A 263 -24.57 -23.81 -16.11
CA GLU A 263 -23.89 -24.33 -17.29
C GLU A 263 -22.64 -25.08 -16.87
N LEU A 264 -21.90 -24.56 -15.88
CA LEU A 264 -20.71 -25.26 -15.40
C LEU A 264 -21.02 -26.63 -14.78
N GLU A 265 -22.08 -26.72 -13.96
N GLU A 265 -22.15 -26.68 -13.89
CA GLU A 265 -22.50 -28.00 -13.41
CA GLU A 265 -22.56 -27.96 -13.35
C GLU A 265 -22.87 -28.97 -14.53
C GLU A 265 -22.93 -28.94 -14.46
N GLU A 266 -23.64 -28.50 -15.52
CA GLU A 266 -24.02 -29.35 -16.63
C GLU A 266 -22.80 -29.90 -17.37
N LEU A 267 -21.78 -29.06 -17.55
CA LEU A 267 -20.59 -29.47 -18.30
C LEU A 267 -19.79 -30.53 -17.56
N THR A 268 -19.62 -30.39 -16.24
CA THR A 268 -18.89 -31.41 -15.48
C THR A 268 -19.69 -32.70 -15.35
N SER A 269 -21.01 -32.59 -15.17
CA SER A 269 -21.85 -33.78 -15.14
C SER A 269 -21.81 -34.51 -16.47
N LYS A 270 -21.73 -33.78 -17.58
CA LYS A 270 -21.69 -34.41 -18.89
C LYS A 270 -20.52 -35.38 -19.03
N TYR A 271 -19.38 -35.05 -18.43
CA TYR A 271 -18.16 -35.82 -18.60
C TYR A 271 -17.88 -36.74 -17.42
N GLY A 272 -18.86 -36.96 -16.54
CA GLY A 272 -18.73 -37.91 -15.46
C GLY A 272 -18.16 -37.35 -14.18
N PHE A 273 -18.05 -36.03 -14.11
CA PHE A 273 -17.45 -35.38 -12.90
C PHE A 273 -18.57 -34.86 -12.00
N LEU A 274 -19.54 -35.71 -11.67
CA LEU A 274 -20.60 -35.30 -10.71
C LEU A 274 -19.86 -34.91 -9.43
N ASP A 275 -18.85 -35.71 -9.05
CA ASP A 275 -17.99 -35.31 -7.91
C ASP A 275 -17.03 -34.28 -8.50
N GLY A 276 -17.27 -33.00 -8.27
CA GLY A 276 -16.46 -31.92 -8.87
C GLY A 276 -14.97 -32.16 -8.83
N ARG A 277 -14.49 -32.95 -7.88
CA ARG A 277 -13.04 -33.13 -7.78
C ARG A 277 -12.45 -33.86 -8.98
N ALA A 278 -13.29 -34.48 -9.82
CA ALA A 278 -12.87 -35.12 -11.06
C ALA A 278 -11.70 -36.09 -10.83
N ILE A 279 -11.97 -37.10 -10.00
CA ILE A 279 -10.92 -38.05 -9.68
C ILE A 279 -10.86 -39.18 -10.70
N GLU A 280 -12.01 -39.48 -11.32
CA GLU A 280 -12.06 -40.56 -12.33
C GLU A 280 -12.96 -40.13 -13.49
N GLY A 281 -12.54 -40.38 -14.72
CA GLY A 281 -13.35 -40.04 -15.88
C GLY A 281 -14.42 -41.04 -16.20
N VAL B 2 34.00 21.88 -13.48
CA VAL B 2 32.59 22.19 -13.27
C VAL B 2 32.32 22.41 -11.79
N ARG B 3 31.50 23.40 -11.46
CA ARG B 3 31.08 23.66 -10.09
C ARG B 3 29.64 23.20 -9.94
N LYS B 4 29.43 22.24 -9.04
CA LYS B 4 28.13 21.65 -8.77
C LYS B 4 27.52 22.35 -7.56
N ILE B 5 26.43 23.08 -7.77
CA ILE B 5 25.78 23.89 -6.76
C ILE B 5 24.39 23.32 -6.46
N ALA B 6 24.06 23.16 -5.19
CA ALA B 6 22.73 22.76 -4.74
C ALA B 6 22.03 23.94 -4.08
N ILE B 7 20.80 24.20 -4.49
CA ILE B 7 19.98 25.27 -3.94
C ILE B 7 18.91 24.63 -3.07
N TYR B 8 18.95 24.92 -1.78
CA TYR B 8 18.04 24.38 -0.77
C TYR B 8 17.15 25.50 -0.24
N GLY B 9 16.18 25.10 0.58
CA GLY B 9 15.22 26.02 1.16
C GLY B 9 13.83 25.40 1.25
N LYS B 10 13.00 25.98 2.11
CA LYS B 10 11.67 25.41 2.33
C LYS B 10 10.81 25.58 1.08
N GLY B 11 9.74 24.79 1.01
CA GLY B 11 8.88 24.85 -0.16
C GLY B 11 8.21 26.21 -0.26
N GLY B 12 8.13 26.72 -1.48
CA GLY B 12 7.50 28.00 -1.72
C GLY B 12 8.38 29.19 -1.39
N ILE B 13 9.64 28.97 -1.05
CA ILE B 13 10.52 30.07 -0.65
C ILE B 13 11.04 30.83 -1.84
N GLY B 14 11.10 30.22 -3.02
CA GLY B 14 11.62 30.85 -4.21
C GLY B 14 12.83 30.16 -4.82
N LYS B 15 13.02 28.87 -4.55
CA LYS B 15 14.19 28.16 -5.08
C LYS B 15 14.17 28.13 -6.60
N SER B 16 13.05 27.69 -7.19
CA SER B 16 13.01 27.55 -8.65
C SER B 16 13.05 28.91 -9.35
N THR B 17 12.40 29.92 -8.79
CA THR B 17 12.48 31.26 -9.35
C THR B 17 13.92 31.79 -9.31
N THR B 18 14.54 31.75 -8.14
CA THR B 18 15.92 32.23 -8.00
C THR B 18 16.87 31.44 -8.86
N THR B 19 16.74 30.10 -8.85
CA THR B 19 17.65 29.27 -9.64
C THR B 19 17.51 29.56 -11.13
N GLN B 20 16.29 29.49 -11.66
CA GLN B 20 16.14 29.69 -13.10
C GLN B 20 16.59 31.10 -13.51
N ASN B 21 16.33 32.10 -12.67
CA ASN B 21 16.68 33.46 -13.04
C ASN B 21 18.16 33.75 -12.86
N THR B 22 18.80 33.14 -11.87
CA THR B 22 20.25 33.29 -11.72
C THR B 22 20.98 32.55 -12.82
N VAL B 23 20.56 31.33 -13.11
CA VAL B 23 21.18 30.56 -14.20
C VAL B 23 20.99 31.28 -15.53
N ALA B 24 19.77 31.75 -15.80
CA ALA B 24 19.53 32.52 -17.01
C ALA B 24 20.48 33.70 -17.10
N ALA B 25 20.74 34.37 -15.96
CA ALA B 25 21.67 35.50 -15.97
C ALA B 25 23.10 35.04 -16.25
N MET B 26 23.51 33.92 -15.66
CA MET B 26 24.84 33.39 -15.93
C MET B 26 25.03 33.12 -17.42
N ALA B 27 24.04 32.49 -18.06
CA ALA B 27 24.15 32.18 -19.48
C ALA B 27 24.05 33.44 -20.35
N HIS B 28 23.23 34.39 -19.96
CA HIS B 28 22.96 35.56 -20.79
C HIS B 28 23.97 36.68 -20.60
N PHE B 29 24.27 37.05 -19.36
CA PHE B 29 25.18 38.14 -19.09
C PHE B 29 26.61 37.69 -18.93
N HIS B 30 26.84 36.46 -18.45
CA HIS B 30 28.16 36.01 -18.03
C HIS B 30 28.71 34.87 -18.89
N ASP B 31 27.99 34.46 -19.91
CA ASP B 31 28.51 33.54 -20.93
C ASP B 31 28.94 32.21 -20.30
N LYS B 32 28.15 31.74 -19.34
CA LYS B 32 28.41 30.46 -18.69
C LYS B 32 27.51 29.39 -19.27
N LYS B 33 28.07 28.17 -19.40
CA LYS B 33 27.32 26.98 -19.81
C LYS B 33 26.79 26.29 -18.56
N VAL B 34 25.48 26.22 -18.42
CA VAL B 34 24.86 25.80 -17.17
C VAL B 34 23.87 24.66 -17.42
N PHE B 35 23.64 23.89 -16.36
CA PHE B 35 22.77 22.72 -16.34
C PHE B 35 21.91 22.87 -15.08
N ILE B 36 20.60 22.77 -15.26
CA ILE B 36 19.66 22.73 -14.14
C ILE B 36 19.12 21.31 -14.00
N HIS B 37 19.25 20.75 -12.81
CA HIS B 37 18.75 19.42 -12.47
C HIS B 37 17.69 19.59 -11.38
N GLY B 38 16.42 19.47 -11.76
CA GLY B 38 15.34 19.61 -10.80
C GLY B 38 15.30 18.42 -9.87
N CYS B 39 15.38 18.67 -8.57
CA CYS B 39 15.35 17.64 -7.53
C CYS B 39 14.24 17.92 -6.52
N ASP B 40 13.07 18.32 -7.02
CA ASP B 40 11.93 18.69 -6.23
C ASP B 40 10.74 17.98 -6.85
N PRO B 41 9.96 17.23 -6.05
CA PRO B 41 8.82 16.50 -6.63
C PRO B 41 7.82 17.38 -7.38
N LYS B 42 7.72 18.65 -7.02
CA LYS B 42 6.79 19.55 -7.72
C LYS B 42 7.14 19.65 -9.21
N ALA B 43 8.40 19.47 -9.57
CA ALA B 43 8.83 19.24 -10.95
C ALA B 43 8.41 20.36 -11.91
N ASP B 44 8.67 21.60 -11.51
CA ASP B 44 8.45 22.77 -12.42
C ASP B 44 9.71 23.64 -12.31
N SER B 45 10.85 23.03 -12.01
CA SER B 45 12.08 23.77 -11.77
C SER B 45 12.73 24.27 -13.04
N THR B 46 12.24 23.83 -14.20
CA THR B 46 12.87 24.20 -15.50
C THR B 46 11.84 24.74 -16.51
N ARG B 47 10.58 24.92 -16.10
CA ARG B 47 9.51 25.30 -17.06
C ARG B 47 9.82 26.63 -17.78
N LEU B 48 10.32 27.64 -17.06
CA LEU B 48 10.55 28.97 -17.70
C LEU B 48 11.74 28.89 -18.67
N ILE B 49 12.83 28.27 -18.26
CA ILE B 49 13.96 28.07 -19.18
C ILE B 49 13.47 27.43 -20.46
N LEU B 50 12.56 26.47 -20.34
CA LEU B 50 12.00 25.75 -21.46
C LEU B 50 10.74 26.40 -22.04
N HIS B 51 10.44 27.65 -21.66
CA HIS B 51 9.37 28.44 -22.26
C HIS B 51 8.00 27.78 -22.05
N GLY B 52 7.76 27.30 -20.84
CA GLY B 52 6.47 26.76 -20.47
C GLY B 52 6.32 25.27 -20.68
N LYS B 53 7.25 24.64 -21.39
CA LYS B 53 7.20 23.20 -21.60
C LYS B 53 7.23 22.47 -20.25
N GLN B 54 6.26 21.58 -20.05
CA GLN B 54 6.26 20.69 -18.89
C GLN B 54 7.17 19.50 -19.23
N GLN B 55 8.36 19.49 -18.64
CA GLN B 55 9.38 18.52 -19.04
C GLN B 55 9.02 17.13 -18.53
N VAL B 56 9.10 16.14 -19.42
CA VAL B 56 8.93 14.76 -18.98
C VAL B 56 10.10 14.41 -18.08
N THR B 57 9.77 13.85 -16.91
CA THR B 57 10.79 13.60 -15.90
C THR B 57 11.64 12.39 -16.29
N MET B 58 12.83 12.31 -15.68
CA MET B 58 13.69 11.13 -15.91
C MET B 58 12.94 9.88 -15.45
N MET B 59 12.20 9.96 -14.34
CA MET B 59 11.53 8.76 -13.84
C MET B 59 10.38 8.33 -14.75
N ASP B 60 9.68 9.30 -15.33
CA ASP B 60 8.63 8.96 -16.28
C ASP B 60 9.22 8.40 -17.57
N THR B 61 10.39 8.87 -17.99
CA THR B 61 11.06 8.30 -19.15
C THR B 61 11.57 6.90 -18.85
N LEU B 62 12.06 6.67 -17.63
CA LEU B 62 12.48 5.34 -17.24
C LEU B 62 11.28 4.39 -17.23
N ARG B 63 10.14 4.84 -16.75
N ARG B 63 10.14 4.87 -16.78
CA ARG B 63 8.97 3.98 -16.69
CA ARG B 63 8.94 4.00 -16.68
C ARG B 63 8.59 3.47 -18.09
C ARG B 63 8.51 3.50 -18.06
N GLU B 64 8.63 4.36 -19.08
CA GLU B 64 8.15 3.98 -20.41
C GLU B 64 9.21 3.31 -21.26
N LYS B 65 10.47 3.65 -21.10
CA LYS B 65 11.51 3.15 -21.98
C LYS B 65 12.37 2.05 -21.35
N GLY B 66 12.48 2.00 -20.03
CA GLY B 66 13.34 1.04 -19.39
C GLY B 66 14.77 1.55 -19.25
N GLU B 67 15.54 0.90 -18.37
CA GLU B 67 16.91 1.35 -18.12
C GLU B 67 17.77 1.27 -19.37
N ASP B 68 17.54 0.26 -20.21
CA ASP B 68 18.36 0.09 -21.39
C ASP B 68 18.25 1.30 -22.31
N GLU B 69 17.09 1.94 -22.36
CA GLU B 69 16.81 3.02 -23.32
C GLU B 69 16.60 4.38 -22.68
N CYS B 70 16.64 4.46 -21.35
CA CYS B 70 16.53 5.75 -20.66
C CYS B 70 17.91 6.35 -20.55
N THR B 71 18.34 7.00 -21.62
CA THR B 71 19.64 7.62 -21.70
C THR B 71 19.52 9.12 -21.52
N PRO B 72 20.63 9.80 -21.18
CA PRO B 72 20.53 11.25 -20.87
C PRO B 72 19.94 12.08 -21.99
N ASP B 73 20.21 11.75 -23.25
CA ASP B 73 19.70 12.57 -24.35
C ASP B 73 18.19 12.42 -24.53
N LYS B 74 17.57 11.41 -23.90
CA LYS B 74 16.12 11.32 -23.92
C LYS B 74 15.47 12.16 -22.82
N VAL B 75 16.24 12.66 -21.85
CA VAL B 75 15.67 13.38 -20.72
C VAL B 75 16.18 14.79 -20.58
N ILE B 76 17.29 15.15 -21.22
CA ILE B 76 17.81 16.51 -21.17
C ILE B 76 17.18 17.31 -22.30
N GLU B 77 16.76 18.53 -22.00
CA GLU B 77 16.25 19.47 -22.98
C GLU B 77 16.99 20.79 -22.82
N VAL B 78 17.18 21.49 -23.92
CA VAL B 78 17.87 22.76 -23.94
C VAL B 78 16.85 23.86 -24.04
N GLY B 79 17.09 24.94 -23.31
CA GLY B 79 16.21 26.09 -23.39
C GLY B 79 16.93 27.42 -23.45
N PHE B 80 16.37 28.45 -22.82
CA PHE B 80 16.94 29.78 -22.92
C PHE B 80 18.42 29.75 -22.57
N GLY B 81 19.19 30.53 -23.34
CA GLY B 81 20.61 30.69 -23.09
C GLY B 81 21.44 29.44 -23.32
N GLY B 82 20.88 28.44 -23.98
CA GLY B 82 21.57 27.17 -24.11
C GLY B 82 21.60 26.35 -22.85
N VAL B 83 20.84 26.73 -21.83
CA VAL B 83 20.84 26.01 -20.56
C VAL B 83 20.21 24.65 -20.77
N LYS B 84 20.86 23.63 -20.21
CA LYS B 84 20.38 22.26 -20.24
C LYS B 84 19.56 22.00 -18.99
N CYS B 85 18.47 21.25 -19.16
CA CYS B 85 17.52 21.03 -18.07
C CYS B 85 17.15 19.57 -17.98
N VAL B 86 17.00 19.10 -16.74
CA VAL B 86 16.44 17.78 -16.46
C VAL B 86 15.54 17.90 -15.23
N GLU B 87 14.46 17.11 -15.19
CA GLU B 87 13.63 16.97 -14.01
C GLU B 87 13.72 15.53 -13.52
N SER B 88 14.09 15.35 -12.25
CA SER B 88 14.27 14.02 -11.70
C SER B 88 12.97 13.24 -11.73
N GLY B 89 11.90 13.81 -11.21
CA GLY B 89 10.68 13.09 -11.02
C GLY B 89 10.70 12.31 -9.74
N GLY B 90 9.76 11.37 -9.63
CA GLY B 90 9.66 10.53 -8.48
C GLY B 90 8.26 9.99 -8.30
N PRO B 91 8.02 9.31 -7.19
CA PRO B 91 6.74 8.63 -7.00
C PRO B 91 5.61 9.60 -6.66
N GLU B 92 4.38 9.16 -6.93
CA GLU B 92 3.20 9.88 -6.49
C GLU B 92 3.13 9.82 -4.97
N PRO B 93 2.30 10.67 -4.35
CA PRO B 93 2.20 10.67 -2.89
C PRO B 93 1.76 9.31 -2.38
N GLY B 94 2.46 8.79 -1.37
CA GLY B 94 2.03 7.53 -0.73
C GLY B 94 2.50 6.25 -1.42
N VAL B 95 3.16 6.36 -2.57
CA VAL B 95 3.53 5.11 -3.30
C VAL B 95 5.04 5.03 -3.49
N GLY B 96 5.83 5.67 -2.61
CA GLY B 96 7.26 5.48 -2.68
C GLY B 96 8.01 6.60 -2.00
N CYS B 97 9.30 6.36 -1.80
CA CYS B 97 10.20 7.37 -1.25
C CYS B 97 10.27 8.55 -2.19
N ALA B 98 9.93 9.73 -1.68
CA ALA B 98 9.81 10.92 -2.52
C ALA B 98 11.13 11.33 -3.13
N GLY B 99 12.24 10.91 -2.53
CA GLY B 99 13.56 11.23 -3.04
C GLY B 99 14.22 10.20 -3.91
N ARG B 100 13.57 9.05 -4.13
CA ARG B 100 14.19 7.98 -4.90
C ARG B 100 14.38 8.37 -6.35
N GLY B 101 13.54 9.25 -6.91
CA GLY B 101 13.73 9.72 -8.27
C GLY B 101 14.96 10.60 -8.40
N VAL B 102 15.29 11.34 -7.34
CA VAL B 102 16.51 12.14 -7.39
C VAL B 102 17.73 11.23 -7.41
N ILE B 103 17.75 10.19 -6.59
CA ILE B 103 18.88 9.26 -6.59
C ILE B 103 19.07 8.65 -7.98
N THR B 104 17.98 8.11 -8.56
CA THR B 104 18.08 7.46 -9.85
C THR B 104 18.55 8.42 -10.93
N ALA B 105 18.08 9.68 -10.89
CA ALA B 105 18.38 10.63 -11.94
C ALA B 105 19.79 11.17 -11.83
N ILE B 106 20.21 11.56 -10.62
CA ILE B 106 21.59 11.99 -10.45
C ILE B 106 22.55 10.86 -10.82
N THR B 107 22.24 9.64 -10.38
CA THR B 107 23.04 8.48 -10.75
C THR B 107 23.18 8.37 -12.27
N LEU B 108 22.07 8.49 -13.01
CA LEU B 108 22.12 8.36 -14.45
C LEU B 108 23.03 9.42 -15.05
N MET B 109 22.96 10.65 -14.55
CA MET B 109 23.77 11.73 -15.09
C MET B 109 25.24 11.47 -14.84
N GLU B 110 25.56 10.94 -13.67
CA GLU B 110 26.97 10.69 -13.34
C GLU B 110 27.53 9.52 -14.13
N GLN B 111 26.75 8.44 -14.27
CA GLN B 111 27.26 7.22 -14.98
C GLN B 111 27.55 7.56 -16.44
N HIS B 112 26.90 8.59 -17.00
CA HIS B 112 27.10 8.99 -18.38
C HIS B 112 27.96 10.25 -18.52
N GLY B 113 28.58 10.71 -17.44
CA GLY B 113 29.48 11.85 -17.55
C GLY B 113 28.82 13.14 -17.97
N VAL B 114 27.53 13.29 -17.69
CA VAL B 114 26.79 14.46 -18.17
C VAL B 114 27.37 15.74 -17.56
N TYR B 115 27.65 15.74 -16.26
CA TYR B 115 28.07 17.00 -15.62
C TYR B 115 29.46 17.43 -16.06
N GLU B 116 30.24 16.56 -16.66
CA GLU B 116 31.55 16.93 -17.19
C GLU B 116 31.47 17.43 -18.63
N ASP B 117 30.30 17.30 -19.27
CA ASP B 117 30.18 17.57 -20.71
C ASP B 117 30.05 19.07 -20.95
N ASP B 118 31.20 19.73 -20.94
CA ASP B 118 31.30 21.12 -21.40
C ASP B 118 30.37 22.03 -20.61
N LEU B 119 30.49 21.98 -19.28
CA LEU B 119 29.66 22.76 -18.39
C LEU B 119 30.52 23.52 -17.39
N ASP B 120 30.12 24.76 -17.09
CA ASP B 120 30.74 25.56 -16.05
C ASP B 120 30.06 25.38 -14.71
N PHE B 121 28.74 25.16 -14.69
CA PHE B 121 27.98 25.07 -13.45
C PHE B 121 26.85 24.07 -13.63
N VAL B 122 26.62 23.26 -12.59
CA VAL B 122 25.41 22.45 -12.45
C VAL B 122 24.65 22.95 -11.23
N PHE B 123 23.37 23.25 -11.39
CA PHE B 123 22.52 23.69 -10.29
C PHE B 123 21.49 22.60 -10.00
N PHE B 124 21.46 22.11 -8.77
CA PHE B 124 20.40 21.22 -8.30
C PHE B 124 19.37 22.04 -7.54
N ASP B 125 18.09 21.90 -7.93
CA ASP B 125 16.98 22.59 -7.27
C ASP B 125 16.30 21.56 -6.38
N VAL B 126 16.54 21.64 -5.08
CA VAL B 126 16.32 20.51 -4.18
C VAL B 126 15.29 20.87 -3.13
N LEU B 127 14.28 19.99 -2.97
CA LEU B 127 13.42 20.07 -1.79
C LEU B 127 14.22 19.91 -0.49
N GLY B 128 13.91 20.76 0.48
CA GLY B 128 14.67 20.75 1.72
C GLY B 128 13.86 20.61 2.99
N ASP B 129 12.56 20.32 2.87
CA ASP B 129 11.72 20.20 4.06
C ASP B 129 12.06 18.97 4.87
N VAL B 130 12.54 17.92 4.21
CA VAL B 130 13.20 16.79 4.84
C VAL B 130 14.59 16.67 4.20
N VAL B 131 15.57 16.30 5.00
CA VAL B 131 16.91 16.06 4.49
C VAL B 131 17.23 14.58 4.59
N CYS B 132 16.87 13.83 3.55
CA CYS B 132 16.92 12.37 3.58
C CYS B 132 16.72 11.86 2.17
N GLY B 133 17.16 10.63 1.97
CA GLY B 133 17.03 10.03 0.67
C GLY B 133 17.80 10.81 -0.38
N GLY B 134 17.21 10.88 -1.56
CA GLY B 134 17.84 11.63 -2.64
C GLY B 134 18.07 13.09 -2.31
N PHE B 135 17.20 13.67 -1.49
CA PHE B 135 17.35 15.08 -1.14
C PHE B 135 18.58 15.34 -0.30
N ALA B 136 19.14 14.32 0.33
CA ALA B 136 20.36 14.49 1.10
C ALA B 136 21.63 14.24 0.29
N MET B 137 21.51 13.64 -0.88
CA MET B 137 22.70 13.30 -1.67
C MET B 137 23.65 14.47 -1.84
N PRO B 138 23.19 15.69 -2.11
CA PRO B 138 24.14 16.82 -2.23
C PRO B 138 24.95 17.09 -0.97
N VAL B 139 24.41 16.73 0.19
CA VAL B 139 25.11 16.97 1.45
C VAL B 139 25.94 15.77 1.86
N ARG B 140 25.32 14.60 1.87
CA ARG B 140 25.94 13.41 2.43
C ARG B 140 26.94 12.76 1.48
N ASP B 141 26.60 12.65 0.20
CA ASP B 141 27.38 11.89 -0.77
C ASP B 141 28.21 12.77 -1.68
N GLY B 142 28.30 14.06 -1.40
CA GLY B 142 29.18 14.92 -2.15
C GLY B 142 28.79 15.16 -3.59
N LYS B 143 27.50 15.00 -3.92
CA LYS B 143 27.06 15.21 -5.28
C LYS B 143 27.05 16.68 -5.63
N ALA B 144 27.20 17.56 -4.65
CA ALA B 144 27.38 18.99 -4.88
C ALA B 144 28.66 19.44 -4.20
N ASP B 145 29.24 20.50 -4.76
CA ASP B 145 30.40 21.14 -4.16
C ASP B 145 30.01 22.31 -3.27
N GLU B 146 28.97 23.03 -3.64
CA GLU B 146 28.57 24.27 -2.98
C GLU B 146 27.09 24.23 -2.74
N ILE B 147 26.67 24.78 -1.60
CA ILE B 147 25.26 24.90 -1.26
C ILE B 147 24.95 26.38 -1.03
N TYR B 148 23.81 26.82 -1.56
CA TYR B 148 23.19 28.09 -1.20
C TYR B 148 21.75 27.82 -0.78
N VAL B 149 21.32 28.46 0.30
CA VAL B 149 19.97 28.27 0.84
C VAL B 149 19.19 29.54 0.59
N VAL B 150 18.06 29.41 -0.09
CA VAL B 150 17.11 30.51 -0.21
C VAL B 150 16.27 30.54 1.06
N ALA B 151 16.16 31.72 1.65
CA ALA B 151 15.46 31.84 2.92
C ALA B 151 14.74 33.18 2.97
N SER B 152 13.96 33.36 4.04
CA SER B 152 13.23 34.58 4.32
C SER B 152 13.13 34.72 5.83
N GLY B 153 12.38 35.72 6.28
CA GLY B 153 12.14 35.85 7.71
C GLY B 153 11.29 34.74 8.32
N GLU B 154 10.68 33.88 7.53
CA GLU B 154 9.84 32.83 8.09
C GLU B 154 10.69 31.88 8.92
N MET B 155 10.13 31.45 10.07
CA MET B 155 10.80 30.49 10.93
C MET B 155 11.17 29.24 10.16
N MET B 156 10.21 28.60 9.50
CA MET B 156 10.51 27.38 8.74
C MET B 156 11.56 27.58 7.66
N ALA B 157 11.75 28.83 7.20
CA ALA B 157 12.81 29.12 6.25
C ALA B 157 14.18 29.02 6.93
N LEU B 158 14.29 29.60 8.14
CA LEU B 158 15.55 29.48 8.91
C LEU B 158 15.72 28.02 9.36
N TYR B 159 14.62 27.36 9.73
CA TYR B 159 14.68 25.98 10.17
C TYR B 159 15.26 25.08 9.09
N ALA B 160 14.84 25.28 7.83
CA ALA B 160 15.37 24.48 6.73
C ALA B 160 16.84 24.79 6.51
N ALA B 161 17.22 26.05 6.55
CA ALA B 161 18.63 26.41 6.48
C ALA B 161 19.42 25.72 7.60
N ASN B 162 18.90 25.79 8.83
CA ASN B 162 19.62 25.20 9.95
C ASN B 162 19.76 23.69 9.80
N ASN B 163 18.77 23.02 9.22
CA ASN B 163 18.85 21.58 9.07
C ASN B 163 19.93 21.18 8.07
N ILE B 164 20.09 21.96 7.00
CA ILE B 164 21.21 21.72 6.09
C ILE B 164 22.53 21.89 6.83
N CYS B 165 22.60 22.85 7.75
CA CYS B 165 23.83 23.05 8.53
C CYS B 165 24.13 21.83 9.40
N LYS B 166 23.08 21.20 9.95
CA LYS B 166 23.27 20.02 10.78
C LYS B 166 23.78 18.84 9.95
N GLY B 167 23.21 18.63 8.78
CA GLY B 167 23.69 17.57 7.92
C GLY B 167 25.10 17.86 7.44
N MET B 168 25.43 19.13 7.27
CA MET B 168 26.81 19.51 6.86
C MET B 168 27.79 19.20 7.99
N VAL B 169 27.41 19.54 9.22
CA VAL B 169 28.27 19.21 10.35
C VAL B 169 28.58 17.72 10.35
N LYS B 170 27.56 16.90 10.06
CA LYS B 170 27.72 15.45 10.11
C LYS B 170 28.59 14.94 8.98
N TYR B 171 28.42 15.48 7.77
CA TYR B 171 28.96 14.86 6.58
C TYR B 171 29.89 15.71 5.74
N ALA B 172 29.90 17.03 5.91
CA ALA B 172 30.63 17.89 4.98
C ALA B 172 32.14 17.65 5.02
N GLU B 173 32.69 17.26 6.16
CA GLU B 173 34.14 17.00 6.19
C GLU B 173 34.50 15.81 5.30
N GLN B 174 33.64 14.80 5.22
CA GLN B 174 33.92 13.65 4.36
C GLN B 174 33.43 13.84 2.94
N SER B 175 32.34 14.58 2.73
CA SER B 175 31.75 14.70 1.40
C SER B 175 32.30 15.87 0.59
N GLY B 176 32.91 16.86 1.24
CA GLY B 176 33.53 17.97 0.55
C GLY B 176 32.61 19.12 0.26
N VAL B 177 31.31 18.99 0.52
CA VAL B 177 30.37 20.08 0.26
C VAL B 177 30.64 21.23 1.22
N ARG B 178 30.43 22.44 0.70
CA ARG B 178 30.66 23.66 1.52
C ARG B 178 29.48 24.63 1.33
N LEU B 179 29.22 25.48 2.31
CA LEU B 179 28.08 26.42 2.25
C LEU B 179 28.58 27.75 1.71
N GLY B 180 27.95 28.23 0.64
CA GLY B 180 28.35 29.47 0.00
C GLY B 180 27.65 30.70 0.53
N GLY B 181 26.52 30.52 1.17
CA GLY B 181 25.80 31.64 1.75
C GLY B 181 24.30 31.45 1.69
N ILE B 182 23.61 32.41 2.30
CA ILE B 182 22.16 32.47 2.32
C ILE B 182 21.72 33.56 1.36
N ILE B 183 20.68 33.27 0.60
CA ILE B 183 20.03 34.25 -0.28
C ILE B 183 18.71 34.65 0.36
N CYS B 184 18.51 35.96 0.57
CA CYS B 184 17.25 36.46 1.12
C CYS B 184 16.28 36.73 -0.03
N ASN B 185 15.29 35.85 -0.17
CA ASN B 185 14.22 36.10 -1.18
C ASN B 185 13.17 36.96 -0.47
N SER B 186 13.20 38.27 -0.67
CA SER B 186 12.32 39.19 0.08
C SER B 186 10.82 38.89 -0.04
N ARG B 187 10.09 39.04 1.06
CA ARG B 187 8.62 38.90 1.03
C ARG B 187 8.04 40.28 1.36
N ASN B 188 8.88 41.32 1.26
CA ASN B 188 8.44 42.73 1.52
C ASN B 188 8.03 42.89 2.99
N VAL B 189 8.67 42.17 3.90
CA VAL B 189 8.41 42.30 5.33
C VAL B 189 9.60 42.98 5.98
N ASP B 190 9.34 44.05 6.72
CA ASP B 190 10.42 44.81 7.34
C ASP B 190 11.13 43.96 8.38
N GLY B 191 12.46 44.00 8.33
CA GLY B 191 13.29 43.26 9.26
C GLY B 191 13.82 41.95 8.74
N GLU B 192 13.35 41.50 7.57
CA GLU B 192 13.78 40.21 7.05
C GLU B 192 15.28 40.18 6.83
N LEU B 193 15.82 41.16 6.12
CA LEU B 193 17.25 41.17 5.84
C LEU B 193 18.04 41.19 7.14
N ASP B 194 17.67 42.06 8.08
CA ASP B 194 18.40 42.16 9.34
C ASP B 194 18.40 40.82 10.07
N LEU B 195 17.26 40.14 10.11
CA LEU B 195 17.19 38.84 10.76
C LEU B 195 18.14 37.86 10.11
N LEU B 196 18.08 37.74 8.79
N LEU B 196 18.05 37.73 8.79
CA LEU B 196 18.92 36.79 8.09
CA LEU B 196 18.91 36.75 8.06
C LEU B 196 20.38 37.16 8.21
C LEU B 196 20.38 37.11 8.27
N GLN B 197 20.71 38.40 8.20
CA GLN B 197 22.12 38.85 8.34
C GLN B 197 22.68 38.34 9.68
N GLU B 198 21.96 38.58 10.76
CA GLU B 198 22.43 38.08 12.06
C GLU B 198 22.42 36.56 12.08
N PHE B 199 21.41 35.93 11.47
CA PHE B 199 21.40 34.49 11.31
C PHE B 199 22.70 34.00 10.65
N CYS B 200 23.09 34.64 9.56
CA CYS B 200 24.31 34.23 8.87
C CYS B 200 25.54 34.41 9.74
N ASP B 201 25.58 35.48 10.55
CA ASP B 201 26.72 35.70 11.43
C ASP B 201 26.86 34.59 12.47
N LYS B 202 25.73 34.12 13.03
CA LYS B 202 25.82 33.13 14.10
C LYS B 202 26.30 31.78 13.58
N ILE B 203 25.82 31.37 12.39
CA ILE B 203 26.18 30.05 11.87
C ILE B 203 27.48 30.06 11.09
N GLY B 204 28.03 31.23 10.81
CA GLY B 204 29.34 31.34 10.21
C GLY B 204 29.39 31.46 8.71
N THR B 205 28.30 31.90 8.08
CA THR B 205 28.30 32.09 6.64
C THR B 205 28.06 33.57 6.30
N GLN B 206 27.58 33.84 5.09
CA GLN B 206 27.34 35.20 4.64
C GLN B 206 25.93 35.30 4.05
N LEU B 207 25.37 36.50 4.14
CA LEU B 207 24.15 36.85 3.40
C LEU B 207 24.62 37.31 2.02
N ILE B 208 24.55 36.44 1.02
CA ILE B 208 25.25 36.69 -0.22
C ILE B 208 24.50 37.73 -1.03
N HIS B 209 23.17 37.68 -1.05
CA HIS B 209 22.42 38.67 -1.82
C HIS B 209 21.00 38.81 -1.29
N PHE B 210 20.47 40.03 -1.44
CA PHE B 210 19.07 40.36 -1.16
C PHE B 210 18.32 40.43 -2.49
N VAL B 211 17.37 39.52 -2.68
CA VAL B 211 16.57 39.48 -3.90
C VAL B 211 15.25 40.20 -3.61
N PRO B 212 14.97 41.34 -4.24
CA PRO B 212 13.72 42.03 -3.97
C PRO B 212 12.51 41.25 -4.44
N ARG B 213 11.37 41.55 -3.82
CA ARG B 213 10.06 41.11 -4.28
C ARG B 213 9.62 42.05 -5.41
N ASP B 214 9.41 41.50 -6.60
CA ASP B 214 9.08 42.29 -7.78
C ASP B 214 8.06 41.51 -8.58
N ASN B 215 6.89 42.10 -8.82
CA ASN B 215 5.87 41.40 -9.59
C ASN B 215 6.20 41.27 -11.07
N ILE B 216 7.31 41.86 -11.55
CA ILE B 216 7.81 41.51 -12.87
C ILE B 216 8.01 40.00 -13.00
N VAL B 217 8.29 39.33 -11.89
CA VAL B 217 8.42 37.88 -11.92
C VAL B 217 7.15 37.24 -12.46
N GLN B 218 5.98 37.73 -11.99
CA GLN B 218 4.72 37.15 -12.47
C GLN B 218 4.41 37.60 -13.88
N LYS B 219 4.68 38.87 -14.20
CA LYS B 219 4.50 39.31 -15.58
C LYS B 219 5.33 38.47 -16.54
N ALA B 220 6.56 38.12 -16.13
CA ALA B 220 7.42 37.29 -16.96
C ALA B 220 6.91 35.85 -17.01
N GLU B 221 6.44 35.32 -15.87
CA GLU B 221 5.93 33.96 -15.84
C GLU B 221 4.72 33.80 -16.75
N PHE B 222 3.90 34.86 -16.87
CA PHE B 222 2.72 34.78 -17.74
C PHE B 222 3.13 34.60 -19.20
N GLN B 223 4.27 35.17 -19.58
CA GLN B 223 4.87 34.93 -20.90
C GLN B 223 5.68 33.64 -20.93
N LYS B 224 5.70 32.89 -19.83
CA LYS B 224 6.45 31.62 -19.76
C LYS B 224 7.95 31.85 -19.95
N LYS B 225 8.48 32.90 -19.32
CA LYS B 225 9.89 33.23 -19.45
C LYS B 225 10.48 33.62 -18.11
N ALA B 226 11.77 33.30 -17.93
CA ALA B 226 12.54 33.89 -16.85
C ALA B 226 12.64 35.40 -17.04
N VAL B 227 12.89 36.11 -15.94
CA VAL B 227 12.88 37.57 -15.96
C VAL B 227 13.93 38.10 -16.93
N VAL B 228 15.14 37.53 -16.87
CA VAL B 228 16.22 37.97 -17.75
C VAL B 228 15.81 37.78 -19.20
N ASP B 229 15.13 36.67 -19.50
CA ASP B 229 14.65 36.41 -20.86
C ASP B 229 13.56 37.40 -21.24
N TYR B 230 12.66 37.70 -20.29
CA TYR B 230 11.56 38.60 -20.56
C TYR B 230 12.05 40.03 -20.81
N ASP B 231 12.91 40.55 -19.94
CA ASP B 231 13.42 41.92 -20.07
C ASP B 231 14.76 42.01 -19.35
N ASP B 232 15.85 41.88 -20.12
CA ASP B 232 17.18 41.86 -19.52
C ASP B 232 17.68 43.25 -19.10
N THR B 233 16.85 44.28 -19.23
CA THR B 233 17.22 45.61 -18.76
C THR B 233 16.50 46.04 -17.49
N CYS B 234 15.45 45.33 -17.08
CA CYS B 234 14.68 45.72 -15.91
C CYS B 234 15.50 45.56 -14.64
N ASN B 235 15.01 46.17 -13.57
CA ASN B 235 15.77 46.17 -12.33
C ASN B 235 15.98 44.75 -11.78
N GLN B 236 14.94 43.92 -11.82
CA GLN B 236 15.06 42.57 -11.26
C GLN B 236 16.04 41.71 -12.07
N ALA B 237 16.07 41.88 -13.38
CA ALA B 237 17.06 41.18 -14.19
C ALA B 237 18.46 41.56 -13.74
N LEU B 238 18.69 42.85 -13.46
CA LEU B 238 20.00 43.29 -12.96
C LEU B 238 20.26 42.76 -11.55
N GLU B 239 19.22 42.54 -10.74
CA GLU B 239 19.41 41.89 -9.45
C GLU B 239 19.93 40.46 -9.63
N TYR B 240 19.30 39.70 -10.54
CA TYR B 240 19.80 38.35 -10.82
C TYR B 240 21.16 38.37 -11.52
N LYS B 241 21.44 39.39 -12.31
CA LYS B 241 22.78 39.55 -12.87
C LYS B 241 23.83 39.71 -11.78
N GLU B 242 23.50 40.44 -10.70
CA GLU B 242 24.45 40.62 -9.60
C GLU B 242 24.59 39.33 -8.78
N LEU B 243 23.46 38.69 -8.43
CA LEU B 243 23.54 37.43 -7.71
C LEU B 243 24.37 36.41 -8.47
N ALA B 244 24.12 36.28 -9.78
CA ALA B 244 24.94 35.39 -10.58
C ALA B 244 26.43 35.73 -10.47
N ARG B 245 26.77 37.02 -10.59
CA ARG B 245 28.18 37.42 -10.48
C ARG B 245 28.76 37.04 -9.13
N LYS B 246 27.99 37.26 -8.05
CA LYS B 246 28.49 36.93 -6.72
C LYS B 246 28.74 35.44 -6.56
N ILE B 247 27.88 34.60 -7.14
CA ILE B 247 28.10 33.16 -7.05
C ILE B 247 29.30 32.75 -7.87
N ILE B 248 29.45 33.30 -9.08
CA ILE B 248 30.61 33.00 -9.91
C ILE B 248 31.90 33.30 -9.15
N GLU B 249 31.95 34.44 -8.49
CA GLU B 249 33.16 34.91 -7.81
C GLU B 249 33.29 34.41 -6.38
N ASN B 250 32.32 33.68 -5.87
CA ASN B 250 32.33 33.34 -4.45
C ASN B 250 33.40 32.31 -4.12
N GLU B 251 34.16 32.59 -3.07
CA GLU B 251 35.10 31.66 -2.49
C GLU B 251 34.94 31.54 -0.98
N ASN B 252 33.90 32.20 -0.42
CA ASN B 252 33.56 32.08 0.99
C ASN B 252 32.73 30.81 1.15
N LEU B 253 33.41 29.70 1.33
CA LEU B 253 32.80 28.37 1.39
C LEU B 253 33.18 27.74 2.72
N VAL B 254 32.19 27.45 3.56
CA VAL B 254 32.43 27.10 4.95
C VAL B 254 31.65 25.84 5.31
N ILE B 255 32.01 25.29 6.47
CA ILE B 255 31.16 24.35 7.19
C ILE B 255 30.52 25.14 8.34
N PRO B 256 29.20 25.37 8.33
CA PRO B 256 28.62 26.27 9.32
C PRO B 256 28.45 25.58 10.68
N THR B 257 28.00 26.38 11.65
CA THR B 257 27.67 25.92 13.00
C THR B 257 26.17 26.07 13.20
N PRO B 258 25.43 24.98 13.31
CA PRO B 258 23.97 25.12 13.43
C PRO B 258 23.56 25.74 14.75
N MET B 259 22.36 26.32 14.73
CA MET B 259 21.74 26.97 15.88
C MET B 259 20.86 25.95 16.58
N THR B 260 20.69 26.12 17.88
CA THR B 260 19.67 25.36 18.58
C THR B 260 18.29 25.94 18.27
N MET B 261 17.26 25.14 18.54
CA MET B 261 15.89 25.61 18.30
C MET B 261 15.55 26.80 19.20
N ASP B 262 15.95 26.76 20.47
CA ASP B 262 15.70 27.88 21.36
C ASP B 262 16.40 29.14 20.86
N GLU B 263 17.65 29.01 20.43
CA GLU B 263 18.35 30.15 19.83
C GLU B 263 17.61 30.66 18.62
N LEU B 264 17.02 29.76 17.82
CA LEU B 264 16.26 30.20 16.66
C LEU B 264 15.04 31.01 17.08
N GLU B 265 14.31 30.52 18.08
CA GLU B 265 13.11 31.24 18.58
C GLU B 265 13.54 32.61 19.13
N GLU B 266 14.63 32.63 19.92
CA GLU B 266 15.12 33.88 20.49
C GLU B 266 15.50 34.87 19.40
N LEU B 267 16.08 34.38 18.30
CA LEU B 267 16.52 35.25 17.22
C LEU B 267 15.34 35.84 16.46
N THR B 268 14.35 35.01 16.12
CA THR B 268 13.17 35.52 15.42
C THR B 268 12.35 36.46 16.30
N SER B 269 12.29 36.20 17.61
CA SER B 269 11.61 37.11 18.52
C SER B 269 12.33 38.44 18.59
N LYS B 270 13.66 38.40 18.52
CA LYS B 270 14.44 39.64 18.62
C LYS B 270 14.09 40.63 17.53
N TYR B 271 13.76 40.15 16.34
CA TYR B 271 13.49 41.01 15.20
C TYR B 271 12.01 41.17 14.92
N GLY B 272 11.16 40.86 15.89
CA GLY B 272 9.74 41.09 15.78
C GLY B 272 8.94 39.98 15.13
N PHE B 273 9.63 38.94 14.66
CA PHE B 273 8.91 37.83 13.97
C PHE B 273 8.43 36.83 15.02
N LEU B 274 7.50 37.28 15.87
CA LEU B 274 6.94 36.42 16.91
C LEU B 274 6.07 35.33 16.31
N ASP B 275 5.18 35.71 15.40
CA ASP B 275 4.43 34.74 14.60
C ASP B 275 5.36 34.25 13.51
N GLY B 276 5.73 32.97 13.59
CA GLY B 276 6.77 32.45 12.74
C GLY B 276 6.44 32.48 11.27
N ARG B 277 5.23 32.88 10.92
CA ARG B 277 4.81 32.93 9.50
C ARG B 277 5.33 34.23 8.86
N ALA B 278 6.00 35.09 9.64
CA ALA B 278 6.61 36.33 9.11
C ALA B 278 5.62 37.04 8.17
N ILE B 279 4.41 37.33 8.65
CA ILE B 279 3.39 38.03 7.83
C ILE B 279 3.58 39.55 7.99
N GLU B 280 4.05 39.98 9.16
CA GLU B 280 4.21 41.44 9.41
C GLU B 280 5.45 41.69 10.26
N GLY B 281 6.08 42.85 10.08
CA GLY B 281 7.29 43.17 10.81
C GLY B 281 7.02 43.57 12.26
N VAL C 2 -23.83 -21.14 23.13
CA VAL C 2 -23.71 -21.52 21.73
C VAL C 2 -22.24 -21.70 21.35
N ARG C 3 -21.96 -22.70 20.53
CA ARG C 3 -20.62 -22.99 20.04
C ARG C 3 -20.53 -22.56 18.59
N LYS C 4 -19.64 -21.62 18.31
CA LYS C 4 -19.47 -21.09 16.96
C LYS C 4 -18.26 -21.76 16.32
N ILE C 5 -18.50 -22.48 15.22
CA ILE C 5 -17.50 -23.30 14.56
C ILE C 5 -17.28 -22.75 13.16
N ALA C 6 -16.03 -22.50 12.81
CA ALA C 6 -15.64 -22.15 11.44
C ALA C 6 -15.02 -23.38 10.76
N ILE C 7 -15.44 -23.62 9.52
CA ILE C 7 -14.94 -24.72 8.71
C ILE C 7 -14.10 -24.13 7.59
N TYR C 8 -12.82 -24.46 7.59
CA TYR C 8 -11.87 -23.96 6.59
C TYR C 8 -11.36 -25.11 5.71
N GLY C 9 -10.55 -24.75 4.73
CA GLY C 9 -10.01 -25.68 3.76
C GLY C 9 -10.02 -25.07 2.36
N LYS C 10 -9.25 -25.68 1.47
CA LYS C 10 -9.13 -25.12 0.13
C LYS C 10 -10.38 -25.43 -0.67
N GLY C 11 -10.57 -24.66 -1.75
CA GLY C 11 -11.76 -24.81 -2.55
C GLY C 11 -11.82 -26.19 -3.18
N GLY C 12 -13.03 -26.76 -3.19
CA GLY C 12 -13.25 -28.09 -3.71
C GLY C 12 -12.86 -29.21 -2.77
N ILE C 13 -12.40 -28.91 -1.56
CA ILE C 13 -11.95 -29.95 -0.65
C ILE C 13 -13.12 -30.72 -0.08
N GLY C 14 -14.29 -30.08 0.00
CA GLY C 14 -15.47 -30.70 0.57
C GLY C 14 -15.97 -30.01 1.83
N LYS C 15 -15.81 -28.69 1.90
CA LYS C 15 -16.27 -27.95 3.06
C LYS C 15 -17.79 -27.94 3.15
N SER C 16 -18.47 -27.54 2.08
CA SER C 16 -19.93 -27.43 2.11
C SER C 16 -20.60 -28.79 2.25
N THR C 17 -20.02 -29.83 1.64
CA THR C 17 -20.55 -31.18 1.79
C THR C 17 -20.39 -31.65 3.23
N THR C 18 -19.18 -31.53 3.77
CA THR C 18 -18.94 -32.00 5.13
C THR C 18 -19.78 -31.20 6.13
N THR C 19 -19.94 -29.90 5.90
CA THR C 19 -20.69 -29.06 6.84
C THR C 19 -22.18 -29.39 6.80
N GLN C 20 -22.77 -29.41 5.60
CA GLN C 20 -24.20 -29.66 5.52
C GLN C 20 -24.56 -31.04 6.04
N ASN C 21 -23.74 -32.04 5.72
CA ASN C 21 -24.07 -33.40 6.15
C ASN C 21 -23.80 -33.57 7.64
N THR C 22 -22.73 -32.98 8.14
CA THR C 22 -22.47 -33.04 9.57
C THR C 22 -23.56 -32.30 10.35
N VAL C 23 -23.96 -31.13 9.88
CA VAL C 23 -25.01 -30.38 10.56
C VAL C 23 -26.34 -31.12 10.46
N ALA C 24 -26.63 -31.70 9.31
CA ALA C 24 -27.84 -32.52 9.18
C ALA C 24 -27.82 -33.67 10.17
N ALA C 25 -26.66 -34.27 10.41
CA ALA C 25 -26.56 -35.33 11.39
C ALA C 25 -26.75 -34.80 12.79
N MET C 26 -26.28 -33.60 13.06
CA MET C 26 -26.43 -33.02 14.40
C MET C 26 -27.90 -32.79 14.73
N ALA C 27 -28.66 -32.28 13.76
CA ALA C 27 -30.06 -31.96 13.98
C ALA C 27 -30.92 -33.22 13.98
N HIS C 28 -30.60 -34.17 13.11
CA HIS C 28 -31.44 -35.36 12.95
C HIS C 28 -31.13 -36.43 14.00
N PHE C 29 -29.86 -36.74 14.22
CA PHE C 29 -29.50 -37.81 15.15
C PHE C 29 -29.32 -37.29 16.58
N HIS C 30 -28.79 -36.09 16.75
CA HIS C 30 -28.40 -35.61 18.07
C HIS C 30 -29.25 -34.46 18.57
N ASP C 31 -30.38 -34.19 17.91
CA ASP C 31 -31.36 -33.22 18.38
C ASP C 31 -30.71 -31.86 18.71
N LYS C 32 -29.86 -31.40 17.81
CA LYS C 32 -29.21 -30.11 17.98
C LYS C 32 -29.83 -29.06 17.07
N LYS C 33 -29.93 -27.83 17.58
CA LYS C 33 -30.41 -26.68 16.83
C LYS C 33 -29.21 -25.95 16.27
N VAL C 34 -29.12 -25.88 14.94
CA VAL C 34 -27.92 -25.41 14.27
C VAL C 34 -28.25 -24.33 13.25
N PHE C 35 -27.25 -23.48 13.02
CA PHE C 35 -27.30 -22.38 12.08
C PHE C 35 -26.10 -22.54 11.17
N ILE C 36 -26.31 -22.43 9.86
CA ILE C 36 -25.22 -22.45 8.89
C ILE C 36 -25.12 -21.07 8.25
N HIS C 37 -23.94 -20.46 8.35
CA HIS C 37 -23.65 -19.17 7.75
C HIS C 37 -22.64 -19.37 6.61
N GLY C 38 -23.08 -19.16 5.38
CA GLY C 38 -22.21 -19.39 4.24
C GLY C 38 -21.29 -18.21 4.09
N CYS C 39 -19.98 -18.45 4.13
CA CYS C 39 -18.95 -17.42 4.03
C CYS C 39 -18.00 -17.70 2.87
N ASP C 40 -18.56 -18.16 1.76
CA ASP C 40 -17.81 -18.52 0.56
C ASP C 40 -18.52 -17.84 -0.59
N PRO C 41 -17.82 -17.07 -1.42
CA PRO C 41 -18.51 -16.37 -2.52
C PRO C 41 -19.21 -17.30 -3.50
N LYS C 42 -18.86 -18.59 -3.52
CA LYS C 42 -19.56 -19.52 -4.43
C LYS C 42 -21.03 -19.65 -4.06
N ALA C 43 -21.36 -19.49 -2.78
CA ALA C 43 -22.73 -19.21 -2.33
C ALA C 43 -23.69 -20.36 -2.64
N ASP C 44 -23.23 -21.59 -2.41
CA ASP C 44 -24.08 -22.76 -2.48
C ASP C 44 -23.89 -23.62 -1.25
N SER C 45 -23.54 -23.00 -0.13
CA SER C 45 -23.23 -23.71 1.10
C SER C 45 -24.44 -24.26 1.82
N THR C 46 -25.64 -23.95 1.35
CA THR C 46 -26.86 -24.30 2.07
C THR C 46 -27.98 -24.90 1.23
N ARG C 47 -27.75 -25.16 -0.06
CA ARG C 47 -28.86 -25.53 -0.94
C ARG C 47 -29.36 -26.94 -0.65
N LEU C 48 -28.53 -27.80 -0.07
CA LEU C 48 -28.97 -29.15 0.26
C LEU C 48 -29.85 -29.17 1.50
N ILE C 49 -29.50 -28.38 2.50
CA ILE C 49 -30.37 -28.21 3.65
C ILE C 49 -31.69 -27.61 3.21
N LEU C 50 -31.69 -26.71 2.22
CA LEU C 50 -32.89 -26.03 1.74
C LEU C 50 -33.52 -26.73 0.54
N HIS C 51 -33.12 -27.97 0.26
CA HIS C 51 -33.71 -28.79 -0.80
C HIS C 51 -33.63 -28.08 -2.16
N GLY C 52 -32.45 -27.58 -2.48
CA GLY C 52 -32.17 -27.00 -3.77
C GLY C 52 -32.41 -25.51 -3.88
N LYS C 53 -33.11 -24.92 -2.92
CA LYS C 53 -33.37 -23.49 -2.94
C LYS C 53 -32.07 -22.70 -3.09
N GLN C 54 -32.05 -21.79 -4.05
CA GLN C 54 -30.95 -20.86 -4.22
C GLN C 54 -31.24 -19.64 -3.35
N GLN C 55 -30.47 -19.49 -2.29
CA GLN C 55 -30.73 -18.43 -1.31
C GLN C 55 -30.37 -17.08 -1.89
N VAL C 56 -31.13 -16.05 -1.52
CA VAL C 56 -30.74 -14.67 -1.79
C VAL C 56 -29.65 -14.28 -0.78
N THR C 57 -28.53 -13.79 -1.32
CA THR C 57 -27.39 -13.40 -0.45
C THR C 57 -27.72 -12.09 0.26
N MET C 58 -27.16 -11.90 1.45
CA MET C 58 -27.48 -10.69 2.25
C MET C 58 -26.97 -9.44 1.51
N MET C 59 -25.81 -9.55 0.86
CA MET C 59 -25.26 -8.39 0.11
C MET C 59 -26.21 -8.05 -1.04
N ASP C 60 -26.78 -9.06 -1.70
CA ASP C 60 -27.79 -8.78 -2.76
C ASP C 60 -29.02 -8.14 -2.11
N THR C 61 -29.45 -8.66 -0.96
CA THR C 61 -30.60 -8.08 -0.28
C THR C 61 -30.32 -6.63 0.12
N LEU C 62 -29.20 -6.39 0.79
CA LEU C 62 -28.83 -5.02 1.15
C LEU C 62 -28.86 -4.11 -0.05
N ARG C 63 -28.45 -4.61 -1.22
CA ARG C 63 -28.37 -3.75 -2.39
C ARG C 63 -29.76 -3.39 -2.92
N GLU C 64 -30.71 -4.31 -2.82
CA GLU C 64 -32.04 -4.08 -3.37
C GLU C 64 -33.05 -3.56 -2.36
N LYS C 65 -32.84 -3.80 -1.07
CA LYS C 65 -33.82 -3.44 -0.06
C LYS C 65 -33.37 -2.32 0.86
N GLY C 66 -32.08 -2.24 1.18
CA GLY C 66 -31.60 -1.21 2.08
C GLY C 66 -31.30 -1.77 3.47
N GLU C 67 -30.50 -1.00 4.23
CA GLU C 67 -30.05 -1.48 5.54
C GLU C 67 -31.21 -1.52 6.54
N ASP C 68 -32.11 -0.53 6.48
CA ASP C 68 -33.28 -0.55 7.35
C ASP C 68 -34.17 -1.77 7.08
N GLU C 69 -34.10 -2.32 5.87
CA GLU C 69 -34.94 -3.44 5.47
C GLU C 69 -34.18 -4.76 5.35
N CYS C 70 -32.86 -4.72 5.25
CA CYS C 70 -32.06 -5.93 5.23
C CYS C 70 -31.99 -6.56 6.62
N THR C 71 -33.09 -7.10 7.08
CA THR C 71 -33.17 -7.70 8.41
C THR C 71 -32.95 -9.21 8.32
N PRO C 72 -32.48 -9.83 9.41
CA PRO C 72 -32.30 -11.30 9.36
C PRO C 72 -33.55 -12.05 8.97
N ASP C 73 -34.73 -11.47 9.14
CA ASP C 73 -35.98 -12.24 8.83
C ASP C 73 -36.07 -12.47 7.32
N LYS C 74 -35.50 -11.56 6.54
CA LYS C 74 -35.61 -11.66 5.09
C LYS C 74 -34.53 -12.51 4.46
N VAL C 75 -33.49 -12.89 5.21
CA VAL C 75 -32.36 -13.60 4.62
C VAL C 75 -32.21 -15.00 5.21
N ILE C 76 -32.64 -15.20 6.44
CA ILE C 76 -32.52 -16.51 7.08
C ILE C 76 -33.60 -17.43 6.53
N GLU C 77 -33.22 -18.65 6.21
CA GLU C 77 -34.17 -19.67 5.80
C GLU C 77 -33.92 -20.93 6.61
N VAL C 78 -34.99 -21.70 6.82
CA VAL C 78 -34.96 -22.93 7.60
C VAL C 78 -35.19 -24.08 6.64
N GLY C 79 -34.44 -25.17 6.83
CA GLY C 79 -34.56 -26.35 6.01
C GLY C 79 -34.59 -27.61 6.86
N PHE C 80 -33.92 -28.64 6.33
CA PHE C 80 -33.93 -29.94 6.98
C PHE C 80 -33.54 -29.82 8.45
N GLY C 81 -34.26 -30.53 9.31
CA GLY C 81 -33.97 -30.59 10.72
C GLY C 81 -34.05 -29.25 11.42
N GLY C 82 -34.78 -28.30 10.87
CA GLY C 82 -34.87 -27.02 11.51
C GLY C 82 -33.64 -26.16 11.40
N VAL C 83 -32.68 -26.54 10.56
CA VAL C 83 -31.43 -25.81 10.45
C VAL C 83 -31.69 -24.48 9.78
N LYS C 84 -31.23 -23.40 10.40
CA LYS C 84 -31.33 -22.07 9.83
C LYS C 84 -30.12 -21.81 8.96
N CYS C 85 -30.36 -21.16 7.81
CA CYS C 85 -29.32 -20.94 6.81
C CYS C 85 -29.29 -19.51 6.32
N VAL C 86 -28.09 -19.00 6.07
CA VAL C 86 -27.93 -17.72 5.41
C VAL C 86 -26.67 -17.78 4.54
N GLU C 87 -26.65 -16.98 3.47
CA GLU C 87 -25.48 -16.82 2.61
C GLU C 87 -25.03 -15.36 2.66
N SER C 88 -23.73 -15.14 2.89
CA SER C 88 -23.21 -13.79 2.96
C SER C 88 -23.22 -13.13 1.58
N GLY C 89 -22.77 -13.86 0.57
CA GLY C 89 -22.57 -13.28 -0.74
C GLY C 89 -21.26 -12.53 -0.82
N GLY C 90 -20.93 -12.11 -2.02
CA GLY C 90 -19.75 -11.33 -2.26
C GLY C 90 -19.89 -10.46 -3.48
N PRO C 91 -18.94 -9.56 -3.70
CA PRO C 91 -18.93 -8.78 -4.95
C PRO C 91 -18.54 -9.67 -6.13
N GLU C 92 -18.85 -9.17 -7.33
CA GLU C 92 -18.48 -9.88 -8.53
C GLU C 92 -16.97 -9.80 -8.72
N PRO C 93 -16.40 -10.75 -9.48
CA PRO C 93 -14.93 -10.81 -9.59
C PRO C 93 -14.32 -9.51 -10.08
N GLY C 94 -13.32 -9.03 -9.36
CA GLY C 94 -12.61 -7.82 -9.71
C GLY C 94 -13.27 -6.54 -9.28
N VAL C 95 -14.47 -6.59 -8.72
CA VAL C 95 -15.20 -5.38 -8.36
C VAL C 95 -14.81 -4.87 -6.98
N GLY C 96 -14.59 -5.76 -6.03
CA GLY C 96 -14.16 -5.33 -4.72
C GLY C 96 -13.64 -6.49 -3.90
N CYS C 97 -13.38 -6.20 -2.62
CA CYS C 97 -12.88 -7.21 -1.70
C CYS C 97 -13.84 -8.40 -1.67
N ALA C 98 -13.33 -9.59 -1.96
CA ALA C 98 -14.19 -10.77 -2.08
C ALA C 98 -14.82 -11.16 -0.75
N GLY C 99 -14.18 -10.81 0.35
CA GLY C 99 -14.67 -11.12 1.67
C GLY C 99 -15.52 -10.06 2.34
N ARG C 100 -15.82 -8.98 1.61
CA ARG C 100 -16.57 -7.83 2.20
C ARG C 100 -17.97 -8.27 2.65
N GLY C 101 -18.66 -9.07 1.83
CA GLY C 101 -19.96 -9.57 2.22
C GLY C 101 -19.94 -10.33 3.53
N VAL C 102 -18.86 -11.06 3.79
CA VAL C 102 -18.76 -11.83 5.03
C VAL C 102 -18.70 -10.90 6.23
N ILE C 103 -17.95 -9.80 6.12
CA ILE C 103 -17.87 -8.85 7.23
C ILE C 103 -19.25 -8.27 7.52
N THR C 104 -19.92 -7.79 6.47
CA THR C 104 -21.24 -7.19 6.66
C THR C 104 -22.24 -8.21 7.16
N ALA C 105 -22.17 -9.43 6.65
CA ALA C 105 -23.12 -10.45 7.04
C ALA C 105 -22.98 -10.80 8.51
N ILE C 106 -21.75 -11.15 8.95
CA ILE C 106 -21.58 -11.55 10.34
C ILE C 106 -21.91 -10.38 11.26
N THR C 107 -21.52 -9.18 10.87
CA THR C 107 -21.85 -8.00 11.67
C THR C 107 -23.36 -7.90 11.88
N LEU C 108 -24.12 -7.97 10.79
CA LEU C 108 -25.60 -7.85 10.90
C LEU C 108 -26.15 -8.98 11.79
N MET C 109 -25.64 -10.20 11.62
CA MET C 109 -26.18 -11.32 12.39
C MET C 109 -25.87 -11.16 13.88
N GLU C 110 -24.69 -10.62 14.20
CA GLU C 110 -24.34 -10.40 15.60
C GLU C 110 -25.18 -9.27 16.20
N GLN C 111 -25.35 -8.17 15.48
N GLN C 111 -25.37 -8.17 15.47
CA GLN C 111 -26.07 -7.03 16.03
CA GLN C 111 -26.07 -7.03 16.05
C GLN C 111 -27.54 -7.33 16.27
C GLN C 111 -27.52 -7.37 16.32
N HIS C 112 -28.09 -8.32 15.58
CA HIS C 112 -29.47 -8.74 15.77
C HIS C 112 -29.63 -9.95 16.70
N GLY C 113 -28.53 -10.43 17.28
CA GLY C 113 -28.63 -11.52 18.23
C GLY C 113 -28.99 -12.84 17.61
N VAL C 114 -28.79 -13.01 16.31
CA VAL C 114 -29.20 -14.22 15.62
C VAL C 114 -28.51 -15.44 16.20
N TYR C 115 -27.19 -15.35 16.42
CA TYR C 115 -26.46 -16.54 16.88
C TYR C 115 -26.85 -16.94 18.29
N GLU C 116 -27.46 -16.04 19.05
CA GLU C 116 -27.86 -16.34 20.42
C GLU C 116 -29.29 -16.82 20.53
N ASP C 117 -30.03 -16.86 19.41
CA ASP C 117 -31.45 -17.14 19.40
C ASP C 117 -31.66 -18.64 19.29
N ASP C 118 -31.71 -19.29 20.46
CA ASP C 118 -32.10 -20.71 20.56
C ASP C 118 -31.29 -21.56 19.58
N LEU C 119 -29.98 -21.59 19.83
CA LEU C 119 -29.06 -22.33 18.97
C LEU C 119 -28.00 -23.01 19.81
N ASP C 120 -27.71 -24.27 19.46
CA ASP C 120 -26.59 -24.99 20.04
C ASP C 120 -25.31 -24.72 19.27
N PHE C 121 -25.38 -24.64 17.94
CA PHE C 121 -24.18 -24.52 17.13
C PHE C 121 -24.41 -23.52 16.00
N VAL C 122 -23.35 -22.78 15.67
CA VAL C 122 -23.27 -21.99 14.45
C VAL C 122 -22.07 -22.49 13.67
N PHE C 123 -22.28 -22.83 12.40
CA PHE C 123 -21.20 -23.26 11.52
C PHE C 123 -20.98 -22.22 10.45
N PHE C 124 -19.77 -21.67 10.38
CA PHE C 124 -19.35 -20.84 9.27
C PHE C 124 -18.63 -21.68 8.22
N ASP C 125 -19.13 -21.68 7.00
CA ASP C 125 -18.51 -22.38 5.86
C ASP C 125 -17.69 -21.32 5.13
N VAL C 126 -16.38 -21.34 5.32
CA VAL C 126 -15.52 -20.19 5.00
C VAL C 126 -14.52 -20.55 3.92
N LEU C 127 -14.41 -19.69 2.92
CA LEU C 127 -13.32 -19.80 1.96
C LEU C 127 -11.99 -19.63 2.67
N GLY C 128 -11.04 -20.52 2.34
CA GLY C 128 -9.76 -20.55 3.02
C GLY C 128 -8.53 -20.42 2.14
N ASP C 129 -8.72 -20.25 0.82
CA ASP C 129 -7.58 -20.11 -0.07
C ASP C 129 -6.80 -18.82 0.18
N VAL C 130 -7.44 -17.82 0.78
CA VAL C 130 -6.77 -16.64 1.32
C VAL C 130 -7.35 -16.41 2.71
N VAL C 131 -6.54 -15.89 3.62
CA VAL C 131 -6.98 -15.63 4.99
C VAL C 131 -6.89 -14.14 5.27
N CYS C 132 -7.93 -13.41 4.91
CA CYS C 132 -7.93 -11.95 4.99
C CYS C 132 -9.38 -11.49 4.81
N GLY C 133 -9.59 -10.20 5.05
CA GLY C 133 -10.91 -9.64 4.94
C GLY C 133 -11.89 -10.37 5.84
N GLY C 134 -13.09 -10.59 5.32
CA GLY C 134 -14.10 -11.31 6.08
C GLY C 134 -13.70 -12.73 6.37
N PHE C 135 -12.93 -13.35 5.48
CA PHE C 135 -12.53 -14.74 5.67
C PHE C 135 -11.63 -14.92 6.88
N ALA C 136 -11.01 -13.85 7.37
CA ALA C 136 -10.14 -13.91 8.54
C ALA C 136 -10.87 -13.59 9.83
N MET C 137 -12.13 -13.17 9.76
CA MET C 137 -12.82 -12.76 10.98
C MET C 137 -12.94 -13.88 12.00
N PRO C 138 -13.26 -15.11 11.63
CA PRO C 138 -13.32 -16.20 12.63
C PRO C 138 -11.99 -16.54 13.25
N VAL C 139 -10.89 -16.07 12.69
CA VAL C 139 -9.58 -16.30 13.28
C VAL C 139 -9.16 -15.06 14.07
N ARG C 140 -9.19 -13.91 13.40
CA ARG C 140 -8.62 -12.69 13.98
C ARG C 140 -9.56 -12.01 14.97
N ASP C 141 -10.85 -11.94 14.66
CA ASP C 141 -11.76 -11.02 15.34
C ASP C 141 -12.64 -11.69 16.38
N GLY C 142 -12.44 -12.97 16.65
CA GLY C 142 -13.20 -13.64 17.70
C GLY C 142 -14.62 -14.01 17.35
N LYS C 143 -14.94 -14.17 16.08
CA LYS C 143 -16.29 -14.51 15.67
C LYS C 143 -16.54 -16.01 15.67
N ALA C 144 -15.52 -16.83 15.86
CA ALA C 144 -15.66 -18.26 16.02
C ALA C 144 -14.96 -18.70 17.29
N ASP C 145 -15.46 -19.78 17.89
CA ASP C 145 -14.85 -20.39 19.06
C ASP C 145 -13.94 -21.55 18.68
N GLU C 146 -14.32 -22.32 17.68
CA GLU C 146 -13.58 -23.52 17.28
C GLU C 146 -13.43 -23.53 15.77
N ILE C 147 -12.32 -24.11 15.32
CA ILE C 147 -12.05 -24.26 13.91
C ILE C 147 -11.82 -25.74 13.64
N TYR C 148 -12.37 -26.22 12.52
CA TYR C 148 -12.01 -27.50 11.94
C TYR C 148 -11.68 -27.26 10.48
N VAL C 149 -10.57 -27.85 10.00
CA VAL C 149 -10.15 -27.73 8.62
C VAL C 149 -10.42 -29.06 7.93
N VAL C 150 -11.14 -29.02 6.82
CA VAL C 150 -11.25 -30.18 5.94
C VAL C 150 -10.03 -30.18 5.04
N ALA C 151 -9.38 -31.35 4.93
CA ALA C 151 -8.16 -31.47 4.15
C ALA C 151 -8.11 -32.80 3.43
N SER C 152 -7.01 -33.04 2.71
CA SER C 152 -6.76 -34.29 2.02
C SER C 152 -5.26 -34.37 1.82
N GLY C 153 -4.81 -35.36 1.04
CA GLY C 153 -3.40 -35.46 0.70
C GLY C 153 -2.90 -34.39 -0.24
N GLU C 154 -3.78 -33.61 -0.87
CA GLU C 154 -3.34 -32.53 -1.73
C GLU C 154 -2.41 -31.59 -0.97
N MET C 155 -1.31 -31.20 -1.61
CA MET C 155 -0.39 -30.25 -1.00
C MET C 155 -1.11 -28.96 -0.60
N MET C 156 -1.91 -28.40 -1.51
CA MET C 156 -2.59 -27.14 -1.24
C MET C 156 -3.63 -27.27 -0.15
N ALA C 157 -4.15 -28.48 0.08
CA ALA C 157 -5.06 -28.71 1.20
C ALA C 157 -4.33 -28.61 2.52
N LEU C 158 -3.16 -29.22 2.62
CA LEU C 158 -2.32 -29.08 3.80
C LEU C 158 -1.78 -27.65 3.92
N TYR C 159 -1.45 -27.03 2.80
CA TYR C 159 -0.99 -25.66 2.84
C TYR C 159 -2.07 -24.75 3.41
N ALA C 160 -3.30 -24.90 2.93
CA ALA C 160 -4.41 -24.10 3.47
C ALA C 160 -4.59 -24.33 4.96
N ALA C 161 -4.55 -25.59 5.40
CA ALA C 161 -4.64 -25.87 6.83
C ALA C 161 -3.49 -25.22 7.59
N ASN C 162 -2.28 -25.30 7.04
CA ASN C 162 -1.14 -24.67 7.70
C ASN C 162 -1.27 -23.14 7.77
N ASN C 163 -1.92 -22.52 6.78
CA ASN C 163 -2.07 -21.07 6.84
C ASN C 163 -3.03 -20.66 7.95
N ILE C 164 -4.07 -21.47 8.19
CA ILE C 164 -4.96 -21.22 9.33
C ILE C 164 -4.16 -21.30 10.62
N CYS C 165 -3.24 -22.27 10.70
CA CYS C 165 -2.42 -22.37 11.89
C CYS C 165 -1.60 -21.12 12.10
N LYS C 166 -1.01 -20.58 11.02
CA LYS C 166 -0.25 -19.35 11.12
C LYS C 166 -1.13 -18.21 11.64
N GLY C 167 -2.34 -18.08 11.09
CA GLY C 167 -3.23 -17.04 11.55
C GLY C 167 -3.58 -17.19 13.01
N MET C 168 -3.63 -18.42 13.50
CA MET C 168 -3.96 -18.66 14.90
C MET C 168 -2.77 -18.33 15.82
N VAL C 169 -1.56 -18.67 15.38
CA VAL C 169 -0.35 -18.33 16.19
C VAL C 169 -0.34 -16.82 16.41
N LYS C 170 -0.82 -16.04 15.43
CA LYS C 170 -0.77 -14.60 15.51
C LYS C 170 -1.89 -14.02 16.33
N TYR C 171 -3.08 -14.65 16.30
CA TYR C 171 -4.29 -14.02 16.85
C TYR C 171 -5.08 -14.86 17.84
N ALA C 172 -4.87 -16.17 17.92
CA ALA C 172 -5.76 -17.02 18.71
C ALA C 172 -5.70 -16.72 20.21
N GLU C 173 -4.54 -16.30 20.73
CA GLU C 173 -4.48 -15.95 22.14
C GLU C 173 -5.43 -14.82 22.48
N GLN C 174 -5.52 -13.81 21.62
CA GLN C 174 -6.41 -12.69 21.87
C GLN C 174 -7.85 -12.98 21.45
N SER C 175 -8.04 -13.67 20.32
CA SER C 175 -9.38 -13.88 19.80
C SER C 175 -10.13 -15.03 20.46
N GLY C 176 -9.41 -15.91 21.15
CA GLY C 176 -10.05 -17.01 21.83
C GLY C 176 -10.37 -18.22 20.99
N VAL C 177 -10.15 -18.16 19.68
CA VAL C 177 -10.44 -19.29 18.81
C VAL C 177 -9.45 -20.41 19.06
N ARG C 178 -9.90 -21.66 18.88
CA ARG C 178 -9.06 -22.82 19.08
C ARG C 178 -9.30 -23.82 17.96
N LEU C 179 -8.29 -24.65 17.69
CA LEU C 179 -8.36 -25.63 16.63
C LEU C 179 -8.86 -26.94 17.19
N GLY C 180 -9.96 -27.44 16.63
CA GLY C 180 -10.57 -28.66 17.08
C GLY C 180 -10.08 -29.92 16.39
N GLY C 181 -9.44 -29.75 15.24
CA GLY C 181 -8.89 -30.88 14.53
C GLY C 181 -8.96 -30.75 13.03
N ILE C 182 -8.34 -31.72 12.33
CA ILE C 182 -8.42 -31.83 10.88
C ILE C 182 -9.40 -32.94 10.52
N ILE C 183 -10.23 -32.69 9.52
CA ILE C 183 -11.10 -33.70 8.92
C ILE C 183 -10.52 -34.08 7.56
N CYS C 184 -10.26 -35.38 7.39
CA CYS C 184 -9.72 -35.87 6.09
C CYS C 184 -10.87 -36.32 5.19
N ASN C 185 -11.19 -35.53 4.17
CA ASN C 185 -12.21 -35.91 3.20
C ASN C 185 -11.52 -36.75 2.14
N SER C 186 -11.69 -38.07 2.23
CA SER C 186 -10.91 -38.99 1.42
C SER C 186 -11.02 -38.69 -0.07
N ARG C 187 -9.88 -38.76 -0.74
CA ARG C 187 -9.80 -38.77 -2.20
C ARG C 187 -9.57 -40.18 -2.73
N ASN C 188 -9.65 -41.18 -1.84
CA ASN C 188 -9.47 -42.58 -2.28
C ASN C 188 -8.04 -42.76 -2.79
N VAL C 189 -7.06 -42.12 -2.14
CA VAL C 189 -5.65 -42.22 -2.50
C VAL C 189 -4.93 -42.94 -1.37
N ASP C 190 -4.25 -44.03 -1.69
CA ASP C 190 -3.55 -44.81 -0.67
C ASP C 190 -2.55 -43.94 0.07
N GLY C 191 -2.59 -44.01 1.40
CA GLY C 191 -1.68 -43.28 2.24
C GLY C 191 -2.17 -41.95 2.75
N GLU C 192 -3.35 -41.51 2.27
CA GLU C 192 -3.88 -40.19 2.66
C GLU C 192 -4.06 -40.12 4.19
N LEU C 193 -4.67 -41.15 4.77
CA LEU C 193 -4.92 -41.14 6.21
C LEU C 193 -3.61 -41.01 6.98
N ASP C 194 -2.61 -41.82 6.63
CA ASP C 194 -1.37 -41.81 7.40
C ASP C 194 -0.62 -40.51 7.22
N LEU C 195 -0.72 -39.88 6.05
CA LEU C 195 -0.08 -38.59 5.84
C LEU C 195 -0.71 -37.52 6.74
N LEU C 196 -2.04 -37.47 6.77
CA LEU C 196 -2.70 -36.45 7.57
C LEU C 196 -2.55 -36.72 9.05
N GLN C 197 -2.52 -37.99 9.45
CA GLN C 197 -2.26 -38.31 10.85
C GLN C 197 -0.94 -37.69 11.32
N GLU C 198 0.14 -37.91 10.57
CA GLU C 198 1.42 -37.35 10.95
C GLU C 198 1.39 -35.83 10.87
N PHE C 199 0.72 -35.27 9.87
CA PHE C 199 0.56 -33.82 9.80
C PHE C 199 -0.10 -33.28 11.07
N CYS C 200 -1.19 -33.92 11.50
CA CYS C 200 -1.83 -33.51 12.74
C CYS C 200 -0.88 -33.61 13.93
N ASP C 201 -0.09 -34.68 13.99
CA ASP C 201 0.86 -34.84 15.07
C ASP C 201 1.90 -33.73 15.05
N LYS C 202 2.32 -33.32 13.85
CA LYS C 202 3.35 -32.29 13.74
C LYS C 202 2.87 -30.95 14.28
N ILE C 203 1.65 -30.56 13.94
CA ILE C 203 1.14 -29.24 14.32
C ILE C 203 0.46 -29.25 15.68
N GLY C 204 0.28 -30.41 16.29
CA GLY C 204 -0.23 -30.45 17.65
C GLY C 204 -1.71 -30.64 17.81
N THR C 205 -2.41 -31.03 16.75
CA THR C 205 -3.86 -31.23 16.81
C THR C 205 -4.19 -32.72 16.67
N GLN C 206 -5.45 -33.02 16.32
CA GLN C 206 -5.90 -34.38 16.13
C GLN C 206 -6.58 -34.50 14.77
N LEU C 207 -6.42 -35.66 14.14
CA LEU C 207 -7.18 -36.03 12.95
C LEU C 207 -8.52 -36.56 13.44
N ILE C 208 -9.52 -35.70 13.48
CA ILE C 208 -10.72 -36.01 14.24
C ILE C 208 -11.55 -37.09 13.56
N HIS C 209 -11.61 -37.07 12.23
CA HIS C 209 -12.38 -38.09 11.53
C HIS C 209 -11.89 -38.24 10.10
N PHE C 210 -12.11 -39.45 9.55
CA PHE C 210 -11.82 -39.80 8.16
C PHE C 210 -13.17 -40.03 7.46
N VAL C 211 -13.54 -39.12 6.59
CA VAL C 211 -14.80 -39.24 5.83
C VAL C 211 -14.49 -39.98 4.54
N PRO C 212 -15.06 -41.17 4.33
CA PRO C 212 -14.82 -41.89 3.07
C PRO C 212 -15.41 -41.15 1.88
N ARG C 213 -14.83 -41.42 0.72
CA ARG C 213 -15.42 -41.01 -0.55
C ARG C 213 -16.54 -41.98 -0.92
N ASP C 214 -17.76 -41.48 -1.06
CA ASP C 214 -18.92 -42.32 -1.34
C ASP C 214 -19.83 -41.58 -2.31
N ASN C 215 -20.10 -42.18 -3.48
CA ASN C 215 -20.88 -41.50 -4.50
C ASN C 215 -22.36 -41.43 -4.16
N ILE C 216 -22.78 -42.01 -3.04
CA ILE C 216 -24.11 -41.73 -2.51
C ILE C 216 -24.28 -40.22 -2.31
N VAL C 217 -23.19 -39.50 -2.07
CA VAL C 217 -23.28 -38.05 -1.93
C VAL C 217 -23.89 -37.41 -3.18
N GLN C 218 -23.41 -37.80 -4.36
CA GLN C 218 -23.98 -37.29 -5.61
C GLN C 218 -25.40 -37.80 -5.85
N LYS C 219 -25.73 -39.01 -5.38
CA LYS C 219 -27.10 -39.50 -5.53
C LYS C 219 -28.06 -38.64 -4.72
N ALA C 220 -27.69 -38.34 -3.47
CA ALA C 220 -28.52 -37.47 -2.64
C ALA C 220 -28.55 -36.07 -3.21
N GLU C 221 -27.42 -35.58 -3.73
CA GLU C 221 -27.37 -34.26 -4.35
C GLU C 221 -28.38 -34.16 -5.49
N PHE C 222 -28.44 -35.18 -6.35
CA PHE C 222 -29.41 -35.16 -7.43
C PHE C 222 -30.84 -35.00 -6.90
N GLN C 223 -31.11 -35.55 -5.71
CA GLN C 223 -32.38 -35.36 -5.03
C GLN C 223 -32.43 -34.06 -4.25
N LYS C 224 -31.36 -33.27 -4.28
CA LYS C 224 -31.31 -31.99 -3.59
C LYS C 224 -31.33 -32.16 -2.08
N LYS C 225 -30.71 -33.23 -1.58
CA LYS C 225 -30.74 -33.55 -0.17
C LYS C 225 -29.35 -33.86 0.35
N ALA C 226 -29.16 -33.62 1.64
CA ALA C 226 -27.99 -34.14 2.34
C ALA C 226 -28.15 -35.65 2.49
N VAL C 227 -27.01 -36.33 2.64
CA VAL C 227 -27.01 -37.79 2.71
C VAL C 227 -27.89 -38.27 3.84
N VAL C 228 -27.79 -37.64 5.01
CA VAL C 228 -28.59 -38.06 6.16
C VAL C 228 -30.07 -37.90 5.83
N ASP C 229 -30.43 -36.79 5.18
CA ASP C 229 -31.81 -36.59 4.76
C ASP C 229 -32.24 -37.62 3.73
N TYR C 230 -31.37 -37.90 2.77
CA TYR C 230 -31.69 -38.84 1.69
C TYR C 230 -31.88 -40.25 2.24
N ASP C 231 -30.95 -40.72 3.07
CA ASP C 231 -31.02 -42.07 3.61
C ASP C 231 -30.22 -42.08 4.92
N ASP C 232 -30.92 -42.03 6.05
CA ASP C 232 -30.25 -41.95 7.36
C ASP C 232 -29.70 -43.28 7.84
N THR C 233 -29.84 -44.34 7.03
CA THR C 233 -29.32 -45.65 7.41
C THR C 233 -28.10 -46.09 6.62
N CYS C 234 -27.76 -45.40 5.55
CA CYS C 234 -26.61 -45.79 4.74
C CYS C 234 -25.32 -45.52 5.49
N ASN C 235 -24.25 -46.17 5.03
CA ASN C 235 -22.98 -46.10 5.75
C ASN C 235 -22.45 -44.67 5.83
N GLN C 236 -22.59 -43.89 4.77
CA GLN C 236 -22.08 -42.52 4.80
C GLN C 236 -22.87 -41.65 5.79
N ALA C 237 -24.18 -41.87 5.89
CA ALA C 237 -24.95 -41.16 6.90
C ALA C 237 -24.40 -41.44 8.29
N LEU C 238 -24.02 -42.70 8.54
CA LEU C 238 -23.47 -43.05 9.85
C LEU C 238 -22.09 -42.45 10.06
N GLU C 239 -21.33 -42.27 8.97
CA GLU C 239 -20.05 -41.58 9.06
C GLU C 239 -20.24 -40.15 9.55
N TYR C 240 -21.20 -39.44 8.97
CA TYR C 240 -21.51 -38.10 9.43
C TYR C 240 -22.12 -38.10 10.82
N LYS C 241 -22.89 -39.14 11.16
CA LYS C 241 -23.38 -39.27 12.53
C LYS C 241 -22.23 -39.30 13.54
N GLU C 242 -21.13 -40.00 13.19
CA GLU C 242 -20.00 -40.12 14.09
C GLU C 242 -19.17 -38.83 14.11
N LEU C 243 -18.93 -38.22 12.94
CA LEU C 243 -18.26 -36.92 12.92
C LEU C 243 -19.03 -35.92 13.78
N ALA C 244 -20.35 -35.85 13.60
CA ALA C 244 -21.16 -34.98 14.44
C ALA C 244 -20.97 -35.29 15.93
N ARG C 245 -21.04 -36.57 16.31
CA ARG C 245 -20.82 -36.91 17.71
C ARG C 245 -19.45 -36.43 18.18
N LYS C 246 -18.42 -36.66 17.37
CA LYS C 246 -17.06 -36.30 17.77
C LYS C 246 -16.92 -34.79 17.99
N ILE C 247 -17.56 -33.98 17.16
CA ILE C 247 -17.51 -32.53 17.33
C ILE C 247 -18.28 -32.12 18.59
N ILE C 248 -19.46 -32.69 18.81
CA ILE C 248 -20.24 -32.34 19.99
C ILE C 248 -19.45 -32.62 21.26
N GLU C 249 -18.77 -33.76 21.31
CA GLU C 249 -18.04 -34.17 22.50
C GLU C 249 -16.61 -33.62 22.55
N ASN C 250 -16.14 -32.93 21.52
CA ASN C 250 -14.72 -32.62 21.43
C ASN C 250 -14.31 -31.63 22.51
N GLU C 251 -13.20 -31.95 23.20
CA GLU C 251 -12.56 -31.04 24.14
C GLU C 251 -11.08 -30.88 23.86
N ASN C 252 -10.55 -31.50 22.81
CA ASN C 252 -9.18 -31.29 22.36
C ASN C 252 -9.16 -30.04 21.48
N LEU C 253 -8.98 -28.88 22.11
CA LEU C 253 -8.98 -27.59 21.44
C LEU C 253 -7.65 -26.92 21.69
N VAL C 254 -6.89 -26.68 20.61
CA VAL C 254 -5.49 -26.30 20.74
C VAL C 254 -5.20 -25.02 19.94
N ILE C 255 -4.08 -24.41 20.28
CA ILE C 255 -3.42 -23.46 19.39
C ILE C 255 -2.26 -24.22 18.74
N PRO C 256 -2.26 -24.40 17.42
CA PRO C 256 -1.27 -25.29 16.79
C PRO C 256 0.05 -24.58 16.52
N THR C 257 1.03 -25.37 16.08
CA THR C 257 2.33 -24.88 15.63
C THR C 257 2.44 -25.15 14.15
N PRO C 258 2.46 -24.13 13.30
CA PRO C 258 2.53 -24.39 11.85
C PRO C 258 3.86 -25.01 11.46
N MET C 259 3.82 -25.69 10.32
CA MET C 259 5.09 -26.24 9.76
C MET C 259 5.58 -25.22 8.74
N THR C 260 6.87 -25.22 8.44
CA THR C 260 7.39 -24.38 7.38
C THR C 260 7.13 -25.04 6.03
N MET C 261 7.24 -24.26 4.95
CA MET C 261 7.01 -24.82 3.60
C MET C 261 7.88 -26.07 3.40
N ASP C 262 9.18 -25.98 3.73
CA ASP C 262 10.08 -27.12 3.43
C ASP C 262 9.63 -28.38 4.21
N GLU C 263 9.20 -28.22 5.46
CA GLU C 263 8.70 -29.37 6.27
C GLU C 263 7.50 -30.02 5.56
N LEU C 264 6.60 -29.20 5.00
CA LEU C 264 5.44 -29.74 4.30
C LEU C 264 5.84 -30.53 3.06
N GLU C 265 6.75 -29.98 2.24
CA GLU C 265 7.24 -30.72 1.08
C GLU C 265 7.94 -32.01 1.51
N GLU C 266 8.77 -31.92 2.56
CA GLU C 266 9.38 -33.12 3.10
C GLU C 266 8.32 -34.15 3.49
N LEU C 267 7.23 -33.69 4.13
CA LEU C 267 6.25 -34.63 4.67
C LEU C 267 5.47 -35.32 3.56
N THR C 268 5.01 -34.55 2.57
CA THR C 268 4.26 -35.15 1.48
C THR C 268 5.14 -36.11 0.69
N SER C 269 6.41 -35.76 0.47
CA SER C 269 7.32 -36.66 -0.22
C SER C 269 7.50 -37.96 0.57
N LYS C 270 7.56 -37.86 1.90
CA LYS C 270 7.74 -39.03 2.75
C LYS C 270 6.70 -40.10 2.47
N TYR C 271 5.47 -39.68 2.15
CA TYR C 271 4.34 -40.58 2.01
C TYR C 271 4.00 -40.84 0.56
N GLY C 272 4.86 -40.43 -0.37
CA GLY C 272 4.67 -40.72 -1.77
C GLY C 272 3.84 -39.72 -2.53
N PHE C 273 3.41 -38.64 -1.87
CA PHE C 273 2.62 -37.59 -2.52
C PHE C 273 3.54 -36.58 -3.18
N LEU C 274 4.25 -37.05 -4.20
CA LEU C 274 5.22 -36.19 -4.89
C LEU C 274 4.53 -35.16 -5.78
N ASP C 275 3.64 -35.60 -6.66
CA ASP C 275 2.76 -34.70 -7.40
C ASP C 275 1.68 -34.22 -6.45
N GLY C 276 1.73 -32.94 -6.08
CA GLY C 276 0.88 -32.41 -5.03
C GLY C 276 -0.59 -32.35 -5.35
N ARG C 277 -0.97 -32.85 -6.53
CA ARG C 277 -2.40 -32.80 -6.96
C ARG C 277 -3.16 -34.01 -6.40
N ALA C 278 -2.45 -34.96 -5.77
CA ALA C 278 -3.09 -36.15 -5.13
C ALA C 278 -4.07 -36.84 -6.10
N ILE C 279 -3.59 -37.22 -7.29
CA ILE C 279 -4.44 -37.97 -8.26
C ILE C 279 -3.66 -39.20 -8.71
N GLU C 280 -4.23 -40.40 -8.50
CA GLU C 280 -3.56 -41.66 -8.91
C GLU C 280 -4.47 -42.85 -8.59
N VAL D 2 -12.21 4.85 20.79
CA VAL D 2 -11.26 5.95 20.61
C VAL D 2 -11.25 6.37 19.14
N ARG D 3 -11.20 7.68 18.90
CA ARG D 3 -11.08 8.22 17.54
C ARG D 3 -9.65 8.69 17.31
N LYS D 4 -9.00 8.19 16.26
CA LYS D 4 -7.62 8.52 15.93
C LYS D 4 -7.63 9.53 14.79
N ILE D 5 -7.11 10.72 15.06
CA ILE D 5 -7.14 11.83 14.11
C ILE D 5 -5.71 12.20 13.76
N ALA D 6 -5.44 12.40 12.47
CA ALA D 6 -4.15 12.85 11.97
C ALA D 6 -4.31 14.26 11.42
N ILE D 7 -3.45 15.17 11.88
CA ILE D 7 -3.44 16.56 11.41
C ILE D 7 -2.26 16.72 10.46
N TYR D 8 -2.55 17.12 9.21
CA TYR D 8 -1.52 17.31 8.20
C TYR D 8 -1.49 18.78 7.77
N GLY D 9 -0.63 19.07 6.80
CA GLY D 9 -0.42 20.41 6.31
C GLY D 9 1.04 20.73 6.13
N LYS D 10 1.33 21.68 5.25
CA LYS D 10 2.70 22.08 4.99
C LYS D 10 3.38 22.59 6.27
N GLY D 11 4.70 22.54 6.27
CA GLY D 11 5.44 23.01 7.42
C GLY D 11 5.21 24.50 7.68
N GLY D 12 4.97 24.83 8.93
CA GLY D 12 4.79 26.22 9.29
C GLY D 12 3.38 26.74 9.14
N ILE D 13 2.44 25.89 8.71
CA ILE D 13 1.08 26.32 8.47
C ILE D 13 0.30 26.54 9.76
N GLY D 14 0.72 25.93 10.88
CA GLY D 14 0.01 26.03 12.12
C GLY D 14 -0.51 24.71 12.65
N LYS D 15 0.11 23.61 12.25
CA LYS D 15 -0.36 22.29 12.66
C LYS D 15 -0.27 22.12 14.18
N SER D 16 0.89 22.45 14.75
CA SER D 16 1.08 22.21 16.18
C SER D 16 0.33 23.25 17.01
N THR D 17 0.19 24.46 16.51
CA THR D 17 -0.66 25.44 17.17
C THR D 17 -2.11 24.98 17.21
N THR D 18 -2.64 24.53 16.06
CA THR D 18 -4.03 24.12 15.97
C THR D 18 -4.28 22.87 16.79
N THR D 19 -3.38 21.89 16.70
CA THR D 19 -3.58 20.64 17.44
C THR D 19 -3.58 20.88 18.94
N GLN D 20 -2.50 21.49 19.47
CA GLN D 20 -2.39 21.68 20.92
C GLN D 20 -3.56 22.48 21.45
N ASN D 21 -3.97 23.53 20.73
CA ASN D 21 -5.03 24.40 21.21
C ASN D 21 -6.41 23.77 21.06
N THR D 22 -6.63 22.97 20.00
CA THR D 22 -7.88 22.23 19.89
C THR D 22 -7.96 21.12 20.94
N VAL D 23 -6.85 20.38 21.14
CA VAL D 23 -6.82 19.34 22.16
C VAL D 23 -7.03 19.93 23.54
N ALA D 24 -6.41 21.08 23.81
CA ALA D 24 -6.57 21.73 25.10
C ALA D 24 -8.02 22.15 25.33
N ALA D 25 -8.68 22.67 24.29
CA ALA D 25 -10.10 23.00 24.39
C ALA D 25 -10.93 21.74 24.59
N MET D 26 -10.54 20.65 23.94
CA MET D 26 -11.26 19.40 24.12
C MET D 26 -11.19 18.92 25.56
N ALA D 27 -10.01 19.02 26.18
CA ALA D 27 -9.85 18.58 27.56
C ALA D 27 -10.47 19.55 28.54
N HIS D 28 -10.29 20.85 28.30
CA HIS D 28 -10.73 21.86 29.25
C HIS D 28 -12.23 22.09 29.15
N PHE D 29 -12.74 22.27 27.94
CA PHE D 29 -14.14 22.63 27.78
C PHE D 29 -15.05 21.42 27.63
N HIS D 30 -14.58 20.36 26.98
CA HIS D 30 -15.44 19.25 26.56
C HIS D 30 -15.15 17.97 27.34
N ASP D 31 -14.31 18.04 28.35
CA ASP D 31 -14.09 16.95 29.27
C ASP D 31 -13.70 15.68 28.51
N LYS D 32 -12.80 15.83 27.54
CA LYS D 32 -12.31 14.71 26.76
C LYS D 32 -10.91 14.32 27.20
N LYS D 33 -10.63 13.01 27.20
CA LYS D 33 -9.29 12.48 27.44
C LYS D 33 -8.60 12.34 26.09
N VAL D 34 -7.44 12.98 25.94
CA VAL D 34 -6.78 13.12 24.65
C VAL D 34 -5.31 12.76 24.77
N PHE D 35 -4.74 12.32 23.65
CA PHE D 35 -3.35 11.94 23.51
C PHE D 35 -2.80 12.63 22.26
N ILE D 36 -1.66 13.29 22.39
CA ILE D 36 -0.97 13.91 21.26
C ILE D 36 0.29 13.10 20.98
N HIS D 37 0.40 12.64 19.74
CA HIS D 37 1.60 11.88 19.29
C HIS D 37 2.31 12.73 18.22
N GLY D 38 3.35 13.45 18.63
CA GLY D 38 4.10 14.28 17.70
C GLY D 38 4.77 13.43 16.64
N CYS D 39 4.47 13.72 15.37
CA CYS D 39 5.02 12.98 14.24
C CYS D 39 5.68 13.94 13.25
N ASP D 40 6.35 14.96 13.77
CA ASP D 40 7.05 15.96 12.97
C ASP D 40 8.45 16.08 13.53
N PRO D 41 9.50 15.90 12.72
CA PRO D 41 10.86 15.95 13.28
C PRO D 41 11.20 17.25 13.99
N LYS D 42 10.42 18.32 13.81
CA LYS D 42 10.65 19.55 14.56
C LYS D 42 10.47 19.31 16.07
N ALA D 43 9.60 18.38 16.44
CA ALA D 43 9.53 17.84 17.80
C ALA D 43 9.27 18.93 18.85
N ASP D 44 8.52 19.96 18.48
CA ASP D 44 7.97 20.92 19.43
C ASP D 44 6.44 20.87 19.41
N SER D 45 5.89 19.71 19.07
CA SER D 45 4.45 19.54 18.93
C SER D 45 3.72 19.46 20.26
N THR D 46 4.44 19.24 21.35
CA THR D 46 3.83 19.09 22.66
C THR D 46 4.31 20.13 23.66
N ARG D 47 5.12 21.09 23.23
CA ARG D 47 5.80 21.97 24.18
C ARG D 47 4.82 22.80 25.01
N LEU D 48 3.77 23.34 24.38
CA LEU D 48 2.86 24.21 25.10
C LEU D 48 2.02 23.44 26.11
N ILE D 49 1.52 22.27 25.72
CA ILE D 49 0.78 21.42 26.65
C ILE D 49 1.60 21.10 27.88
N LEU D 50 2.91 20.95 27.71
CA LEU D 50 3.84 20.62 28.78
C LEU D 50 4.51 21.85 29.36
N HIS D 51 4.02 23.04 29.05
CA HIS D 51 4.48 24.27 29.69
C HIS D 51 5.98 24.51 29.49
N GLY D 52 6.44 24.28 28.26
CA GLY D 52 7.79 24.56 27.86
C GLY D 52 8.72 23.36 27.88
N LYS D 53 8.33 22.27 28.54
CA LYS D 53 9.19 21.09 28.60
C LYS D 53 9.43 20.56 27.19
N GLN D 54 10.67 20.17 26.93
CA GLN D 54 11.12 19.66 25.64
C GLN D 54 11.24 18.15 25.83
N GLN D 55 10.21 17.43 25.40
CA GLN D 55 10.14 15.99 25.65
C GLN D 55 11.37 15.26 25.12
N VAL D 56 11.79 14.23 25.85
CA VAL D 56 12.72 13.26 25.30
C VAL D 56 11.99 12.44 24.25
N THR D 57 12.54 12.37 23.04
CA THR D 57 11.87 11.66 21.96
C THR D 57 11.98 10.15 22.16
N MET D 58 11.04 9.44 21.56
CA MET D 58 11.05 7.99 21.67
C MET D 58 12.31 7.42 21.05
N MET D 59 12.75 7.97 19.91
N MET D 59 12.77 7.97 19.93
CA MET D 59 13.99 7.51 19.30
CA MET D 59 13.99 7.47 19.31
C MET D 59 15.19 7.77 20.18
C MET D 59 15.23 7.80 20.13
N ASP D 60 15.23 8.94 20.82
CA ASP D 60 16.33 9.26 21.72
C ASP D 60 16.31 8.34 22.94
N THR D 61 15.13 7.87 23.34
CA THR D 61 15.04 6.93 24.45
C THR D 61 15.50 5.54 24.02
N LEU D 62 15.00 5.05 22.89
CA LEU D 62 15.46 3.79 22.35
C LEU D 62 16.98 3.75 22.26
N ARG D 63 17.58 4.79 21.71
CA ARG D 63 19.05 4.77 21.47
C ARG D 63 19.86 4.70 22.76
N GLU D 64 19.44 5.40 23.81
CA GLU D 64 20.23 5.49 25.03
C GLU D 64 19.83 4.45 26.07
N LYS D 65 18.68 3.80 25.90
CA LYS D 65 18.17 2.88 26.96
C LYS D 65 17.98 1.46 26.42
N GLY D 66 17.58 1.31 25.16
CA GLY D 66 17.30 0.01 24.58
C GLY D 66 15.83 -0.18 24.29
N GLU D 67 15.55 -1.27 23.57
CA GLU D 67 14.20 -1.55 23.11
C GLU D 67 13.32 -2.20 24.18
N ASP D 68 13.91 -2.53 25.33
CA ASP D 68 13.15 -3.20 26.42
C ASP D 68 12.64 -2.16 27.40
N GLU D 69 13.56 -1.47 28.09
CA GLU D 69 13.17 -0.43 29.08
C GLU D 69 12.35 0.65 28.38
N CYS D 70 12.78 1.09 27.18
CA CYS D 70 11.98 2.08 26.43
C CYS D 70 10.54 1.59 26.51
N THR D 71 9.69 2.33 27.25
CA THR D 71 8.29 1.87 27.46
C THR D 71 7.40 3.11 27.51
N PRO D 72 6.09 2.97 27.20
CA PRO D 72 5.16 4.10 27.29
C PRO D 72 5.40 4.93 28.55
N ASP D 73 5.66 4.26 29.69
CA ASP D 73 5.82 4.98 30.97
C ASP D 73 7.04 5.91 30.95
N LYS D 74 8.07 5.59 30.16
CA LYS D 74 9.30 6.42 30.11
C LYS D 74 9.19 7.54 29.07
N VAL D 75 8.24 7.46 28.14
CA VAL D 75 8.17 8.39 27.02
C VAL D 75 6.90 9.26 27.05
N ILE D 76 5.86 8.84 27.74
CA ILE D 76 4.63 9.61 27.80
C ILE D 76 4.74 10.63 28.92
N GLU D 77 4.33 11.86 28.65
CA GLU D 77 4.27 12.92 29.64
C GLU D 77 2.88 13.52 29.66
N VAL D 78 2.43 13.93 30.85
CA VAL D 78 1.10 14.48 31.06
C VAL D 78 1.21 15.97 31.30
N GLY D 79 0.38 16.75 30.62
CA GLY D 79 0.45 18.20 30.67
C GLY D 79 -0.90 18.79 31.00
N PHE D 80 -1.20 19.90 30.33
CA PHE D 80 -2.44 20.62 30.60
C PHE D 80 -3.67 19.75 30.32
N GLY D 81 -4.65 19.82 31.21
CA GLY D 81 -5.89 19.08 31.03
C GLY D 81 -5.74 17.59 31.07
N GLY D 82 -4.64 17.08 31.63
CA GLY D 82 -4.44 15.65 31.64
C GLY D 82 -4.09 15.06 30.29
N VAL D 83 -3.73 15.91 29.34
CA VAL D 83 -3.38 15.46 28.00
C VAL D 83 -2.06 14.72 28.06
N LYS D 84 -2.04 13.51 27.49
CA LYS D 84 -0.84 12.69 27.40
C LYS D 84 -0.08 13.06 26.14
N CYS D 85 1.25 13.09 26.22
CA CYS D 85 2.09 13.60 25.15
C CYS D 85 3.26 12.66 24.89
N VAL D 86 3.62 12.55 23.61
CA VAL D 86 4.80 11.80 23.21
C VAL D 86 5.34 12.44 21.93
N GLU D 87 6.65 12.35 21.74
CA GLU D 87 7.32 12.82 20.54
C GLU D 87 8.01 11.63 19.91
N SER D 88 7.69 11.35 18.65
CA SER D 88 8.29 10.21 17.96
C SER D 88 9.80 10.36 17.85
N GLY D 89 10.24 11.52 17.40
CA GLY D 89 11.62 11.74 17.07
C GLY D 89 11.96 11.17 15.70
N GLY D 90 13.23 11.27 15.35
CA GLY D 90 13.70 10.78 14.08
C GLY D 90 15.17 11.05 13.85
N PRO D 91 15.74 10.47 12.80
CA PRO D 91 17.17 10.70 12.52
C PRO D 91 17.47 12.17 12.28
N GLU D 92 18.71 12.55 12.61
CA GLU D 92 19.19 13.88 12.32
C GLU D 92 19.25 14.10 10.81
N PRO D 93 19.29 15.36 10.38
CA PRO D 93 19.26 15.63 8.93
C PRO D 93 20.39 14.92 8.21
N GLY D 94 20.05 14.30 7.09
CA GLY D 94 21.00 13.57 6.27
C GLY D 94 21.34 12.17 6.76
N VAL D 95 20.97 11.82 7.99
CA VAL D 95 21.46 10.57 8.56
C VAL D 95 20.61 9.39 8.10
N GLY D 96 19.32 9.59 7.90
CA GLY D 96 18.50 8.53 7.40
C GLY D 96 17.12 9.05 7.05
N CYS D 97 16.20 8.08 6.87
CA CYS D 97 14.80 8.43 6.53
C CYS D 97 14.21 9.30 7.64
N ALA D 98 13.78 10.50 7.29
CA ALA D 98 13.30 11.45 8.28
C ALA D 98 12.08 10.92 9.03
N GLY D 99 11.34 9.99 8.43
CA GLY D 99 10.15 9.46 9.04
C GLY D 99 10.31 8.10 9.68
N ARG D 100 11.56 7.69 9.92
CA ARG D 100 11.80 6.33 10.48
C ARG D 100 11.28 6.27 11.92
N GLY D 101 11.53 7.32 12.70
CA GLY D 101 11.08 7.32 14.09
C GLY D 101 9.58 7.24 14.25
N VAL D 102 8.85 7.85 13.32
CA VAL D 102 7.40 7.79 13.37
C VAL D 102 6.92 6.34 13.23
N ILE D 103 7.47 5.61 12.25
CA ILE D 103 7.13 4.19 12.13
C ILE D 103 7.34 3.49 13.47
N THR D 104 8.54 3.63 14.03
CA THR D 104 8.87 2.92 15.27
C THR D 104 7.96 3.32 16.42
N ALA D 105 7.70 4.63 16.56
CA ALA D 105 6.94 5.12 17.70
C ALA D 105 5.48 4.69 17.63
N ILE D 106 4.83 4.88 16.48
CA ILE D 106 3.44 4.44 16.34
C ILE D 106 3.35 2.93 16.54
N THR D 107 4.30 2.18 15.98
CA THR D 107 4.30 0.74 16.17
C THR D 107 4.39 0.37 17.65
N LEU D 108 5.33 1.01 18.35
CA LEU D 108 5.48 0.74 19.80
C LEU D 108 4.16 1.04 20.51
N MET D 109 3.65 2.26 20.30
CA MET D 109 2.44 2.67 20.99
C MET D 109 1.31 1.67 20.77
N GLU D 110 1.19 1.15 19.54
CA GLU D 110 0.14 0.18 19.24
C GLU D 110 0.39 -1.15 19.94
N GLN D 111 1.61 -1.66 19.86
CA GLN D 111 1.92 -2.94 20.50
C GLN D 111 1.62 -2.91 21.98
N HIS D 112 1.69 -1.74 22.61
CA HIS D 112 1.46 -1.61 24.04
C HIS D 112 0.04 -1.20 24.36
N GLY D 113 -0.82 -1.05 23.35
CA GLY D 113 -2.19 -0.65 23.61
C GLY D 113 -2.33 0.73 24.20
N VAL D 114 -1.38 1.61 23.94
CA VAL D 114 -1.42 2.94 24.54
C VAL D 114 -2.63 3.71 24.05
N TYR D 115 -2.94 3.62 22.76
CA TYR D 115 -4.05 4.40 22.21
C TYR D 115 -5.40 3.97 22.75
N GLU D 116 -5.48 2.84 23.45
CA GLU D 116 -6.73 2.31 23.99
C GLU D 116 -6.82 2.50 25.49
N ASP D 117 -5.86 3.18 26.11
CA ASP D 117 -5.81 3.33 27.56
C ASP D 117 -6.54 4.59 27.98
N ASP D 118 -7.86 4.49 28.04
CA ASP D 118 -8.71 5.53 28.62
C ASP D 118 -8.58 6.85 27.86
N LEU D 119 -8.83 6.76 26.55
CA LEU D 119 -8.72 7.90 25.66
C LEU D 119 -9.98 8.02 24.81
N ASP D 120 -10.42 9.25 24.59
CA ASP D 120 -11.47 9.54 23.62
C ASP D 120 -10.89 9.88 22.26
N PHE D 121 -9.74 10.54 22.21
CA PHE D 121 -9.13 10.97 20.96
C PHE D 121 -7.62 10.78 21.02
N VAL D 122 -7.04 10.50 19.86
CA VAL D 122 -5.61 10.53 19.65
C VAL D 122 -5.35 11.44 18.45
N PHE D 123 -4.44 12.40 18.60
CA PHE D 123 -4.10 13.34 17.54
C PHE D 123 -2.66 13.09 17.12
N PHE D 124 -2.47 12.79 15.85
CA PHE D 124 -1.15 12.73 15.25
C PHE D 124 -0.86 14.08 14.60
N ASP D 125 0.21 14.72 15.05
CA ASP D 125 0.72 15.96 14.46
C ASP D 125 1.82 15.55 13.48
N VAL D 126 1.52 15.61 12.18
CA VAL D 126 2.31 14.91 11.18
C VAL D 126 2.88 15.89 10.16
N LEU D 127 4.18 15.76 9.88
CA LEU D 127 4.79 16.49 8.77
C LEU D 127 4.10 16.15 7.46
N GLY D 128 3.82 17.17 6.65
CA GLY D 128 2.99 16.95 5.47
C GLY D 128 3.62 17.36 4.16
N ASP D 129 4.93 17.60 4.18
CA ASP D 129 5.64 18.08 2.99
C ASP D 129 6.08 16.95 2.06
N VAL D 130 6.18 15.72 2.57
CA VAL D 130 6.31 14.52 1.76
C VAL D 130 5.35 13.48 2.31
N VAL D 131 4.87 12.57 1.45
CA VAL D 131 3.91 11.55 1.86
C VAL D 131 4.57 10.17 1.71
N CYS D 132 5.46 9.84 2.64
CA CYS D 132 6.26 8.63 2.57
C CYS D 132 6.88 8.39 3.95
N GLY D 133 7.54 7.25 4.09
CA GLY D 133 8.05 6.92 5.38
C GLY D 133 6.90 6.84 6.37
N GLY D 134 7.24 7.00 7.65
CA GLY D 134 6.22 7.01 8.69
C GLY D 134 5.17 8.09 8.52
N PHE D 135 5.54 9.19 7.87
CA PHE D 135 4.57 10.26 7.65
C PHE D 135 3.33 9.79 6.88
N ALA D 136 3.47 8.78 6.02
CA ALA D 136 2.34 8.23 5.31
C ALA D 136 1.57 7.18 6.10
N MET D 137 2.11 6.74 7.24
CA MET D 137 1.47 5.65 8.03
C MET D 137 -0.02 5.96 8.25
N PRO D 138 -0.40 7.13 8.83
CA PRO D 138 -1.82 7.39 9.11
C PRO D 138 -2.71 7.27 7.90
N VAL D 139 -2.22 7.63 6.71
CA VAL D 139 -3.00 7.52 5.49
C VAL D 139 -3.00 6.11 4.93
N ARG D 140 -1.83 5.46 4.95
CA ARG D 140 -1.61 4.26 4.15
C ARG D 140 -1.77 2.97 4.92
N ASP D 141 -1.41 2.97 6.20
CA ASP D 141 -1.52 1.78 7.03
C ASP D 141 -2.70 1.86 7.97
N GLY D 142 -3.56 2.87 7.80
CA GLY D 142 -4.74 2.97 8.66
C GLY D 142 -4.45 3.19 10.12
N LYS D 143 -3.39 3.94 10.44
CA LYS D 143 -3.09 4.24 11.83
C LYS D 143 -3.98 5.35 12.39
N ALA D 144 -4.65 6.11 11.53
CA ALA D 144 -5.64 7.10 11.93
C ALA D 144 -6.99 6.76 11.31
N ASP D 145 -8.05 7.25 11.92
CA ASP D 145 -9.39 7.10 11.36
C ASP D 145 -9.82 8.28 10.51
N GLU D 146 -9.46 9.49 10.92
CA GLU D 146 -9.89 10.72 10.28
C GLU D 146 -8.68 11.62 10.07
N ILE D 147 -8.73 12.40 9.01
CA ILE D 147 -7.66 13.33 8.69
C ILE D 147 -8.25 14.72 8.56
N TYR D 148 -7.58 15.70 9.13
CA TYR D 148 -7.86 17.09 8.87
C TYR D 148 -6.56 17.74 8.42
N VAL D 149 -6.66 18.64 7.44
CA VAL D 149 -5.51 19.33 6.90
C VAL D 149 -5.63 20.80 7.23
N VAL D 150 -4.60 21.35 7.88
CA VAL D 150 -4.53 22.79 8.10
C VAL D 150 -3.98 23.43 6.83
N ALA D 151 -4.61 24.49 6.36
CA ALA D 151 -4.17 25.12 5.13
C ALA D 151 -4.34 26.63 5.22
N SER D 152 -3.90 27.33 4.19
CA SER D 152 -4.05 28.77 4.04
C SER D 152 -4.16 29.06 2.55
N GLY D 153 -4.04 30.33 2.19
CA GLY D 153 -4.12 30.72 0.79
C GLY D 153 -2.88 30.44 -0.04
N GLU D 154 -1.77 30.11 0.59
CA GLU D 154 -0.54 29.92 -0.16
C GLU D 154 -0.57 28.66 -1.03
N MET D 155 0.09 28.75 -2.18
CA MET D 155 0.05 27.66 -3.16
C MET D 155 0.54 26.35 -2.53
N MET D 156 1.67 26.40 -1.81
CA MET D 156 2.23 25.17 -1.26
C MET D 156 1.36 24.60 -0.15
N ALA D 157 0.50 25.42 0.45
CA ALA D 157 -0.43 24.89 1.45
C ALA D 157 -1.50 24.04 0.79
N LEU D 158 -2.09 24.54 -0.31
CA LEU D 158 -3.04 23.75 -1.07
C LEU D 158 -2.37 22.52 -1.68
N TYR D 159 -1.15 22.68 -2.17
CA TYR D 159 -0.40 21.56 -2.75
C TYR D 159 -0.20 20.46 -1.71
N ALA D 160 0.20 20.84 -0.50
CA ALA D 160 0.35 19.85 0.56
C ALA D 160 -0.98 19.17 0.85
N ALA D 161 -2.06 19.94 0.97
CA ALA D 161 -3.37 19.36 1.22
C ALA D 161 -3.76 18.42 0.09
N ASN D 162 -3.52 18.82 -1.16
CA ASN D 162 -3.91 17.99 -2.30
C ASN D 162 -3.10 16.71 -2.36
N ASN D 163 -1.83 16.76 -1.95
CA ASN D 163 -0.98 15.56 -2.01
C ASN D 163 -1.39 14.52 -0.96
N ILE D 164 -1.72 14.97 0.25
CA ILE D 164 -2.14 14.02 1.27
C ILE D 164 -3.48 13.43 0.91
N CYS D 165 -4.31 14.18 0.18
CA CYS D 165 -5.56 13.62 -0.36
C CYS D 165 -5.28 12.56 -1.40
N LYS D 166 -4.32 12.81 -2.31
CA LYS D 166 -3.88 11.75 -3.21
C LYS D 166 -3.49 10.51 -2.43
N GLY D 167 -2.55 10.65 -1.49
CA GLY D 167 -2.21 9.52 -0.65
C GLY D 167 -3.43 8.79 -0.10
N MET D 168 -4.43 9.56 0.34
CA MET D 168 -5.66 8.97 0.85
C MET D 168 -6.34 8.08 -0.19
N VAL D 169 -6.50 8.60 -1.42
CA VAL D 169 -7.33 7.92 -2.42
C VAL D 169 -6.81 6.52 -2.69
N LYS D 170 -5.49 6.36 -2.75
CA LYS D 170 -4.91 5.05 -3.14
C LYS D 170 -5.14 3.97 -2.09
N TYR D 171 -5.52 4.36 -0.86
CA TYR D 171 -5.60 3.41 0.24
C TYR D 171 -6.88 3.52 1.04
N ALA D 172 -7.75 4.48 0.71
CA ALA D 172 -8.87 4.80 1.60
C ALA D 172 -9.89 3.68 1.66
N GLU D 173 -10.25 3.09 0.52
CA GLU D 173 -11.24 2.01 0.53
C GLU D 173 -10.75 0.83 1.35
N GLN D 174 -9.44 0.64 1.46
CA GLN D 174 -8.87 -0.47 2.23
C GLN D 174 -8.66 -0.10 3.69
N SER D 175 -7.98 1.01 3.96
CA SER D 175 -7.60 1.37 5.31
C SER D 175 -8.71 2.01 6.13
N GLY D 176 -9.83 2.36 5.50
CA GLY D 176 -10.91 3.01 6.22
C GLY D 176 -10.68 4.45 6.64
N VAL D 177 -9.53 5.04 6.29
CA VAL D 177 -9.29 6.42 6.65
C VAL D 177 -10.23 7.31 5.83
N ARG D 178 -10.69 8.40 6.45
CA ARG D 178 -11.55 9.36 5.76
C ARG D 178 -11.11 10.78 6.10
N LEU D 179 -11.34 11.69 5.15
CA LEU D 179 -11.02 13.10 5.35
C LEU D 179 -12.18 13.79 6.04
N GLY D 180 -11.88 14.50 7.12
CA GLY D 180 -12.88 15.19 7.90
C GLY D 180 -13.02 16.66 7.54
N GLY D 181 -12.04 17.19 6.84
CA GLY D 181 -12.16 18.54 6.34
C GLY D 181 -10.86 19.32 6.35
N ILE D 182 -10.93 20.57 5.89
CA ILE D 182 -9.80 21.48 5.84
C ILE D 182 -10.01 22.56 6.90
N ILE D 183 -8.92 22.98 7.53
CA ILE D 183 -8.92 24.05 8.51
C ILE D 183 -8.18 25.24 7.91
N CYS D 184 -8.86 26.36 7.73
CA CYS D 184 -8.20 27.60 7.33
C CYS D 184 -7.56 28.22 8.57
N ASN D 185 -6.24 28.14 8.70
CA ASN D 185 -5.49 28.89 9.70
C ASN D 185 -5.12 30.23 9.09
N SER D 186 -5.90 31.25 9.45
CA SER D 186 -5.85 32.51 8.73
C SER D 186 -4.50 33.21 8.88
N ARG D 187 -4.04 33.80 7.77
CA ARG D 187 -2.89 34.68 7.74
C ARG D 187 -3.33 36.13 7.55
N ASN D 188 -4.63 36.40 7.72
CA ASN D 188 -5.18 37.75 7.59
C ASN D 188 -4.93 38.31 6.20
N VAL D 189 -5.02 37.45 5.19
CA VAL D 189 -4.90 37.85 3.79
C VAL D 189 -6.30 37.75 3.17
N ASP D 190 -6.73 38.82 2.50
CA ASP D 190 -8.05 38.84 1.89
C ASP D 190 -8.18 37.74 0.84
N GLY D 191 -9.38 37.16 0.75
CA GLY D 191 -9.66 36.11 -0.20
C GLY D 191 -9.30 34.72 0.25
N GLU D 192 -8.64 34.58 1.40
CA GLU D 192 -8.19 33.26 1.85
C GLU D 192 -9.36 32.34 2.12
N LEU D 193 -10.36 32.84 2.84
CA LEU D 193 -11.54 32.04 3.15
C LEU D 193 -12.24 31.57 1.88
N ASP D 194 -12.52 32.49 0.96
CA ASP D 194 -13.21 32.13 -0.27
C ASP D 194 -12.39 31.14 -1.09
N LEU D 195 -11.07 31.33 -1.13
CA LEU D 195 -10.21 30.41 -1.86
C LEU D 195 -10.31 29.00 -1.29
N LEU D 196 -10.22 28.86 0.03
CA LEU D 196 -10.20 27.52 0.62
C LEU D 196 -11.58 26.89 0.58
N GLN D 197 -12.64 27.70 0.66
CA GLN D 197 -13.98 27.16 0.45
C GLN D 197 -14.10 26.51 -0.92
N GLU D 198 -13.68 27.24 -1.95
CA GLU D 198 -13.73 26.69 -3.34
C GLU D 198 -12.89 25.42 -3.40
N PHE D 199 -11.69 25.47 -2.80
CA PHE D 199 -10.81 24.31 -2.78
C PHE D 199 -11.53 23.10 -2.16
N CYS D 200 -12.20 23.30 -1.04
CA CYS D 200 -12.92 22.20 -0.41
C CYS D 200 -14.04 21.67 -1.30
N ASP D 201 -14.78 22.56 -1.95
CA ASP D 201 -15.84 22.11 -2.84
C ASP D 201 -15.27 21.31 -4.01
N LYS D 202 -14.12 21.74 -4.54
CA LYS D 202 -13.54 21.05 -5.73
C LYS D 202 -13.12 19.62 -5.39
N ILE D 203 -12.65 19.40 -4.16
CA ILE D 203 -12.15 18.08 -3.79
C ILE D 203 -13.19 17.27 -3.03
N GLY D 204 -14.33 17.84 -2.72
CA GLY D 204 -15.40 17.07 -2.14
C GLY D 204 -15.46 17.02 -0.63
N THR D 205 -14.87 17.99 0.05
CA THR D 205 -14.87 18.00 1.51
C THR D 205 -15.51 19.29 2.02
N GLN D 206 -15.31 19.61 3.28
CA GLN D 206 -15.87 20.79 3.91
C GLN D 206 -14.75 21.64 4.51
N LEU D 207 -15.03 22.93 4.62
CA LEU D 207 -14.18 23.87 5.32
C LEU D 207 -14.74 23.90 6.73
N ILE D 208 -14.15 23.12 7.62
CA ILE D 208 -14.80 22.85 8.89
C ILE D 208 -14.71 24.06 9.82
N HIS D 209 -13.60 24.80 9.77
CA HIS D 209 -13.50 25.98 10.63
C HIS D 209 -12.50 26.96 10.06
N PHE D 210 -12.74 28.24 10.34
CA PHE D 210 -11.84 29.34 10.06
C PHE D 210 -11.25 29.80 11.38
N VAL D 211 -9.96 29.52 11.59
CA VAL D 211 -9.25 29.97 12.79
C VAL D 211 -8.69 31.36 12.52
N PRO D 212 -9.08 32.38 13.30
CA PRO D 212 -8.52 33.72 13.06
C PRO D 212 -7.02 33.79 13.37
N ARG D 213 -6.37 34.77 12.78
CA ARG D 213 -5.02 35.14 13.18
C ARG D 213 -5.12 36.04 14.40
N ASP D 214 -4.47 35.66 15.49
CA ASP D 214 -4.61 36.39 16.75
C ASP D 214 -3.30 36.34 17.49
N ASN D 215 -2.69 37.50 17.70
CA ASN D 215 -1.39 37.53 18.38
C ASN D 215 -1.47 37.13 19.87
N ILE D 216 -2.67 36.88 20.43
CA ILE D 216 -2.72 36.26 21.75
C ILE D 216 -2.05 34.89 21.74
N VAL D 217 -1.95 34.28 20.55
CA VAL D 217 -1.22 33.02 20.42
C VAL D 217 0.22 33.20 20.89
N GLN D 218 0.88 34.25 20.40
CA GLN D 218 2.26 34.48 20.79
C GLN D 218 2.37 34.99 22.22
N LYS D 219 1.40 35.75 22.69
CA LYS D 219 1.40 36.17 24.08
C LYS D 219 1.37 34.95 25.02
N ALA D 220 0.54 33.97 24.70
CA ALA D 220 0.48 32.76 25.52
C ALA D 220 1.75 31.93 25.37
N GLU D 221 2.27 31.82 24.15
CA GLU D 221 3.53 31.10 23.97
C GLU D 221 4.64 31.69 24.82
N PHE D 222 4.66 33.03 24.98
CA PHE D 222 5.69 33.65 25.81
C PHE D 222 5.56 33.27 27.27
N GLN D 223 4.41 32.71 27.67
CA GLN D 223 4.23 32.18 29.05
C GLN D 223 4.19 30.65 28.99
N LYS D 224 4.61 30.07 27.86
CA LYS D 224 4.64 28.62 27.68
C LYS D 224 3.28 27.98 28.01
N LYS D 225 2.25 28.48 27.34
CA LYS D 225 0.89 27.99 27.54
C LYS D 225 0.17 27.96 26.21
N ALA D 226 -0.71 26.98 26.05
CA ALA D 226 -1.75 27.04 25.04
C ALA D 226 -2.72 28.18 25.36
N VAL D 227 -3.40 28.67 24.32
CA VAL D 227 -4.31 29.81 24.47
C VAL D 227 -5.39 29.49 25.49
N VAL D 228 -5.99 28.30 25.39
CA VAL D 228 -7.04 27.90 26.33
C VAL D 228 -6.48 27.89 27.75
N ASP D 229 -5.25 27.41 27.90
CA ASP D 229 -4.59 27.45 29.21
C ASP D 229 -4.32 28.87 29.65
N TYR D 230 -3.89 29.73 28.73
CA TYR D 230 -3.53 31.10 29.09
C TYR D 230 -4.76 31.92 29.50
N ASP D 231 -5.84 31.84 28.73
CA ASP D 231 -7.02 32.67 28.98
C ASP D 231 -8.19 31.99 28.30
N ASP D 232 -8.97 31.21 29.06
CA ASP D 232 -10.06 30.44 28.48
C ASP D 232 -11.29 31.28 28.17
N THR D 233 -11.25 32.58 28.42
CA THR D 233 -12.35 33.47 28.07
C THR D 233 -12.05 34.37 26.87
N CYS D 234 -10.85 34.31 26.32
CA CYS D 234 -10.50 35.17 25.20
C CYS D 234 -11.12 34.61 23.92
N ASN D 235 -11.21 35.47 22.91
CA ASN D 235 -11.91 35.09 21.69
C ASN D 235 -11.26 33.89 21.02
N GLN D 236 -9.93 33.86 20.97
CA GLN D 236 -9.26 32.78 20.29
C GLN D 236 -9.45 31.46 21.04
N ALA D 237 -9.54 31.51 22.37
CA ALA D 237 -9.85 30.30 23.12
C ALA D 237 -11.24 29.79 22.75
N LEU D 238 -12.18 30.69 22.54
CA LEU D 238 -13.54 30.29 22.18
C LEU D 238 -13.61 29.79 20.74
N GLU D 239 -12.70 30.25 19.88
CA GLU D 239 -12.63 29.72 18.52
C GLU D 239 -12.15 28.27 18.53
N TYR D 240 -11.12 27.97 19.32
CA TYR D 240 -10.67 26.59 19.45
C TYR D 240 -11.72 25.73 20.13
N LYS D 241 -12.46 26.31 21.08
CA LYS D 241 -13.61 25.60 21.67
C LYS D 241 -14.60 25.16 20.59
N GLU D 242 -14.87 26.04 19.62
CA GLU D 242 -15.82 25.71 18.56
C GLU D 242 -15.22 24.68 17.61
N LEU D 243 -13.95 24.85 17.25
CA LEU D 243 -13.30 23.86 16.40
C LEU D 243 -13.28 22.50 17.07
N ALA D 244 -12.97 22.47 18.36
CA ALA D 244 -13.00 21.22 19.11
C ALA D 244 -14.39 20.58 19.07
N ARG D 245 -15.45 21.38 19.24
CA ARG D 245 -16.80 20.82 19.19
C ARG D 245 -17.15 20.30 17.80
N LYS D 246 -16.80 21.06 16.77
CA LYS D 246 -17.07 20.63 15.40
C LYS D 246 -16.40 19.30 15.09
N ILE D 247 -15.15 19.13 15.53
CA ILE D 247 -14.48 17.84 15.34
C ILE D 247 -15.21 16.75 16.12
N ILE D 248 -15.59 17.04 17.36
CA ILE D 248 -16.29 16.04 18.17
C ILE D 248 -17.55 15.58 17.45
N GLU D 249 -18.33 16.52 16.94
CA GLU D 249 -19.63 16.22 16.35
C GLU D 249 -19.57 15.88 14.86
N ASN D 250 -18.41 16.06 14.24
CA ASN D 250 -18.31 15.87 12.81
C ASN D 250 -18.75 14.48 12.39
N GLU D 251 -19.55 14.42 11.31
CA GLU D 251 -19.92 13.17 10.67
C GLU D 251 -19.61 13.18 9.17
N ASN D 252 -19.16 14.32 8.62
CA ASN D 252 -18.76 14.41 7.21
C ASN D 252 -17.35 13.83 7.05
N LEU D 253 -17.29 12.59 6.58
CA LEU D 253 -16.04 11.83 6.43
C LEU D 253 -16.07 11.26 5.03
N VAL D 254 -15.19 11.74 4.16
CA VAL D 254 -15.29 11.47 2.74
C VAL D 254 -13.97 10.93 2.22
N ILE D 255 -14.06 10.36 1.02
CA ILE D 255 -12.91 10.09 0.17
C ILE D 255 -12.80 11.23 -0.80
N PRO D 256 -11.77 12.08 -0.73
CA PRO D 256 -11.71 13.27 -1.58
C PRO D 256 -11.38 12.94 -3.03
N THR D 257 -11.66 13.91 -3.90
CA THR D 257 -11.33 13.85 -5.33
C THR D 257 -10.24 14.87 -5.60
N PRO D 258 -8.97 14.48 -5.58
CA PRO D 258 -7.91 15.48 -5.67
C PRO D 258 -7.96 16.27 -6.97
N MET D 259 -7.36 17.46 -6.92
CA MET D 259 -7.34 18.34 -8.11
C MET D 259 -6.02 18.18 -8.85
N THR D 260 -6.03 18.48 -10.14
CA THR D 260 -4.81 18.48 -10.94
C THR D 260 -3.98 19.73 -10.62
N MET D 261 -2.70 19.69 -11.00
CA MET D 261 -1.81 20.83 -10.77
C MET D 261 -2.32 22.07 -11.52
N ASP D 262 -2.77 21.90 -12.76
CA ASP D 262 -3.28 23.04 -13.52
C ASP D 262 -4.49 23.66 -12.84
N GLU D 263 -5.34 22.82 -12.23
CA GLU D 263 -6.50 23.33 -11.51
C GLU D 263 -6.08 24.12 -10.29
N LEU D 264 -5.02 23.67 -9.60
CA LEU D 264 -4.49 24.44 -8.48
C LEU D 264 -3.97 25.79 -8.95
N GLU D 265 -3.23 25.82 -10.05
CA GLU D 265 -2.74 27.07 -10.60
C GLU D 265 -3.91 28.00 -10.94
N GLU D 266 -4.90 27.48 -11.66
CA GLU D 266 -6.05 28.30 -12.01
C GLU D 266 -6.74 28.83 -10.77
N LEU D 267 -6.74 28.05 -9.68
CA LEU D 267 -7.48 28.45 -8.49
C LEU D 267 -6.75 29.58 -7.75
N THR D 268 -5.44 29.45 -7.57
CA THR D 268 -4.69 30.52 -6.94
C THR D 268 -4.72 31.79 -7.77
N SER D 269 -4.64 31.65 -9.09
CA SER D 269 -4.73 32.81 -9.96
C SER D 269 -6.05 33.55 -9.78
N LYS D 270 -7.16 32.80 -9.76
CA LYS D 270 -8.48 33.40 -9.66
C LYS D 270 -8.59 34.32 -8.45
N TYR D 271 -7.91 33.95 -7.36
CA TYR D 271 -8.03 34.72 -6.09
C TYR D 271 -6.91 35.77 -5.96
N GLY D 272 -6.18 36.03 -7.04
CA GLY D 272 -5.18 37.09 -7.02
C GLY D 272 -3.84 36.71 -6.46
N PHE D 273 -3.60 35.44 -6.18
CA PHE D 273 -2.35 34.99 -5.58
C PHE D 273 -1.40 34.48 -6.67
N LEU D 274 -1.14 35.36 -7.64
CA LEU D 274 -0.23 35.02 -8.74
C LEU D 274 1.17 34.75 -8.19
N ASP D 275 1.57 35.47 -7.13
CA ASP D 275 2.75 35.11 -6.34
C ASP D 275 2.27 34.10 -5.31
N GLY D 276 2.58 32.82 -5.54
CA GLY D 276 2.04 31.73 -4.74
C GLY D 276 2.29 31.86 -3.25
N ARG D 277 3.16 32.77 -2.82
CA ARG D 277 3.37 32.97 -1.39
C ARG D 277 2.19 33.66 -0.72
N ALA D 278 1.20 34.13 -1.48
CA ALA D 278 -0.04 34.66 -0.93
C ALA D 278 0.22 35.74 0.11
N ILE D 279 1.07 36.70 -0.26
CA ILE D 279 1.44 37.78 0.62
C ILE D 279 0.40 38.89 0.50
#